data_1VCH
#
_entry.id   1VCH
#
_cell.length_a   167.419
_cell.length_b   61.405
_cell.length_c   102.389
_cell.angle_alpha   90.00
_cell.angle_beta   93.97
_cell.angle_gamma   90.00
#
_symmetry.space_group_name_H-M   'C 1 2 1'
#
loop_
_entity.id
_entity.type
_entity.pdbx_description
1 polymer 'Phosphoribosyltransferase-related protein'
2 non-polymer 'ACETIC ACID'
3 non-polymer 'CHLORIDE ION'
4 non-polymer 'CALCIUM ION'
5 water water
#
_entity_poly.entity_id   1
_entity_poly.type   'polypeptide(L)'
_entity_poly.pdbx_seq_one_letter_code
;METYPITVGGVTRHVPLIEPLPGRRIPLVEFLGDPEFTRAAAEALRPLVPKEAEILFTTETSPIPLTHVLAEALGLPYVV
ARRRRRPYMEDPIIQEVQTLTLGVGEVLWLDRRFAEKLLNQRVVLVSDVVASGETMRAMEKMVLRAGGHVVARLAVFRQG
TPGLAVDTVAELPVL
;
_entity_poly.pdbx_strand_id   A,B,C,D,E
#
loop_
_chem_comp.id
_chem_comp.type
_chem_comp.name
_chem_comp.formula
ACY non-polymer 'ACETIC ACID' 'C2 H4 O2'
CA non-polymer 'CALCIUM ION' 'Ca 2'
CL non-polymer 'CHLORIDE ION' 'Cl -1'
#
# COMPACT_ATOMS: atom_id res chain seq x y z
N GLU A 2 26.14 -24.55 -7.80
CA GLU A 2 25.12 -24.50 -8.89
C GLU A 2 23.73 -24.41 -8.29
N THR A 3 23.58 -25.00 -7.10
CA THR A 3 22.31 -25.00 -6.39
C THR A 3 22.62 -24.88 -4.90
N TYR A 4 21.65 -24.41 -4.14
CA TYR A 4 21.81 -24.26 -2.70
C TYR A 4 20.57 -24.88 -2.06
N PRO A 5 20.74 -25.53 -0.90
CA PRO A 5 19.59 -26.16 -0.23
C PRO A 5 18.85 -25.37 0.85
N ILE A 6 17.56 -25.16 0.65
CA ILE A 6 16.74 -24.49 1.66
C ILE A 6 15.69 -25.48 2.11
N THR A 7 15.31 -25.40 3.37
CA THR A 7 14.32 -26.33 3.92
C THR A 7 13.25 -25.61 4.72
N VAL A 8 12.02 -26.12 4.61
CA VAL A 8 10.89 -25.59 5.35
C VAL A 8 9.99 -26.74 5.72
N GLY A 9 9.67 -26.85 7.01
CA GLY A 9 8.81 -27.93 7.45
C GLY A 9 9.27 -29.31 7.00
N GLY A 10 10.58 -29.51 6.96
CA GLY A 10 11.12 -30.78 6.55
C GLY A 10 11.23 -30.99 5.06
N VAL A 11 10.59 -30.12 4.28
CA VAL A 11 10.65 -30.23 2.83
C VAL A 11 11.88 -29.47 2.35
N THR A 12 12.74 -30.15 1.61
CA THR A 12 13.96 -29.52 1.13
C THR A 12 13.97 -29.28 -0.37
N ARG A 13 14.49 -28.13 -0.75
CA ARG A 13 14.58 -27.75 -2.15
C ARG A 13 15.99 -27.27 -2.46
N HIS A 14 16.58 -27.84 -3.50
CA HIS A 14 17.91 -27.45 -3.93
C HIS A 14 17.66 -26.44 -5.04
N VAL A 15 17.66 -25.17 -4.66
CA VAL A 15 17.37 -24.08 -5.57
C VAL A 15 18.56 -23.36 -6.18
N PRO A 16 18.33 -22.64 -7.29
CA PRO A 16 19.37 -21.87 -7.99
C PRO A 16 19.74 -20.64 -7.18
N LEU A 17 20.74 -19.91 -7.65
CA LEU A 17 21.19 -18.70 -6.97
C LEU A 17 21.07 -17.49 -7.88
N ILE A 18 20.64 -16.35 -7.33
CA ILE A 18 20.52 -15.12 -8.09
C ILE A 18 21.34 -14.04 -7.38
N GLU A 19 21.74 -13.01 -8.11
CA GLU A 19 22.54 -11.94 -7.52
C GLU A 19 21.81 -10.60 -7.46
N PRO A 20 20.99 -10.39 -6.42
CA PRO A 20 20.23 -9.15 -6.25
C PRO A 20 21.16 -7.93 -6.18
N LEU A 21 22.42 -8.18 -5.82
CA LEU A 21 23.42 -7.13 -5.73
C LEU A 21 24.79 -7.73 -6.07
N PRO A 22 25.74 -6.87 -6.46
CA PRO A 22 27.10 -7.32 -6.82
C PRO A 22 27.74 -8.29 -5.82
N GLY A 23 28.25 -9.40 -6.34
CA GLY A 23 28.91 -10.40 -5.52
C GLY A 23 28.13 -10.87 -4.30
N ARG A 24 26.81 -10.72 -4.34
CA ARG A 24 25.96 -11.15 -3.23
C ARG A 24 24.81 -11.99 -3.74
N ARG A 25 25.02 -13.30 -3.75
CA ARG A 25 24.02 -14.25 -4.21
C ARG A 25 23.14 -14.74 -3.08
N ILE A 26 21.88 -15.05 -3.42
CA ILE A 26 20.93 -15.55 -2.44
C ILE A 26 20.11 -16.66 -3.08
N PRO A 27 19.65 -17.63 -2.26
CA PRO A 27 18.86 -18.74 -2.80
C PRO A 27 17.58 -18.19 -3.43
N LEU A 28 17.21 -18.75 -4.58
CA LEU A 28 16.01 -18.31 -5.27
C LEU A 28 14.82 -19.15 -4.79
N VAL A 29 14.05 -18.60 -3.86
CA VAL A 29 12.88 -19.30 -3.35
C VAL A 29 11.73 -19.07 -4.31
N GLU A 30 11.10 -20.17 -4.73
CA GLU A 30 10.00 -20.09 -5.66
C GLU A 30 8.91 -21.08 -5.26
N PHE A 31 7.74 -20.57 -4.92
CA PHE A 31 6.63 -21.45 -4.54
C PHE A 31 5.74 -21.79 -5.73
N LEU A 32 5.79 -20.97 -6.78
CA LEU A 32 4.97 -21.23 -7.96
C LEU A 32 5.34 -22.57 -8.58
N GLY A 33 4.33 -23.41 -8.81
CA GLY A 33 4.54 -24.71 -9.42
C GLY A 33 4.88 -25.85 -8.47
N ASP A 34 4.97 -25.55 -7.19
CA ASP A 34 5.38 -26.55 -6.19
C ASP A 34 4.40 -26.67 -5.03
N PRO A 35 3.32 -27.46 -5.20
CA PRO A 35 2.33 -27.65 -4.15
C PRO A 35 2.88 -28.17 -2.82
N GLU A 36 3.80 -29.14 -2.88
CA GLU A 36 4.36 -29.71 -1.65
C GLU A 36 5.16 -28.70 -0.84
N PHE A 37 6.04 -27.97 -1.51
CA PHE A 37 6.86 -26.98 -0.82
C PHE A 37 5.98 -25.84 -0.31
N THR A 38 4.96 -25.48 -1.09
CA THR A 38 4.05 -24.41 -0.70
C THR A 38 3.24 -24.83 0.52
N ARG A 39 2.81 -26.09 0.53
CA ARG A 39 2.03 -26.62 1.66
C ARG A 39 2.89 -26.55 2.95
N ALA A 40 4.14 -27.00 2.87
CA ALA A 40 5.01 -26.98 4.04
C ALA A 40 5.22 -25.55 4.53
N ALA A 41 5.38 -24.61 3.59
CA ALA A 41 5.59 -23.21 3.95
C ALA A 41 4.33 -22.63 4.58
N ALA A 42 3.17 -22.99 4.03
CA ALA A 42 1.90 -22.50 4.55
C ALA A 42 1.65 -22.99 5.97
N GLU A 43 1.86 -24.29 6.20
CA GLU A 43 1.64 -24.84 7.54
C GLU A 43 2.67 -24.25 8.52
N ALA A 44 3.83 -23.87 8.00
CA ALA A 44 4.87 -23.29 8.84
C ALA A 44 4.46 -21.88 9.27
N LEU A 45 3.74 -21.18 8.40
CA LEU A 45 3.30 -19.83 8.69
C LEU A 45 2.05 -19.83 9.54
N ARG A 46 1.23 -20.86 9.37
CA ARG A 46 -0.04 -20.97 10.09
C ARG A 46 -0.02 -20.65 11.59
N PRO A 47 0.92 -21.25 12.35
CA PRO A 47 0.97 -20.98 13.79
C PRO A 47 1.32 -19.52 14.11
N LEU A 48 1.79 -18.78 13.10
CA LEU A 48 2.16 -17.38 13.29
C LEU A 48 1.00 -16.43 13.00
N VAL A 49 -0.15 -16.98 12.60
CA VAL A 49 -1.31 -16.17 12.28
C VAL A 49 -2.18 -15.85 13.49
N PRO A 50 -2.29 -14.56 13.86
CA PRO A 50 -3.12 -14.18 15.01
C PRO A 50 -4.52 -14.73 14.83
N LYS A 51 -5.15 -15.10 15.94
CA LYS A 51 -6.49 -15.67 15.90
C LYS A 51 -7.58 -14.67 15.58
N GLU A 52 -7.24 -13.39 15.60
CA GLU A 52 -8.21 -12.34 15.28
C GLU A 52 -8.25 -12.08 13.76
N ALA A 53 -7.22 -12.53 13.06
CA ALA A 53 -7.12 -12.34 11.62
C ALA A 53 -8.43 -12.61 10.90
N GLU A 54 -8.80 -11.73 9.96
CA GLU A 54 -10.04 -11.90 9.21
C GLU A 54 -9.83 -11.99 7.68
N ILE A 55 -8.67 -11.56 7.21
CA ILE A 55 -8.35 -11.58 5.78
C ILE A 55 -6.86 -11.44 5.58
N LEU A 56 -6.33 -12.11 4.55
CA LEU A 56 -4.91 -12.05 4.26
C LEU A 56 -4.71 -11.11 3.06
N PHE A 57 -3.52 -10.51 2.99
CA PHE A 57 -3.18 -9.55 1.93
C PHE A 57 -1.78 -9.90 1.43
N THR A 58 -1.65 -10.14 0.13
CA THR A 58 -0.35 -10.45 -0.44
C THR A 58 -0.20 -9.71 -1.76
N THR A 59 0.99 -9.79 -2.35
CA THR A 59 1.28 -9.16 -3.64
C THR A 59 1.67 -10.26 -4.62
N GLU A 60 1.41 -10.04 -5.90
CA GLU A 60 1.75 -11.02 -6.93
C GLU A 60 3.29 -11.05 -7.06
N THR A 61 3.85 -12.14 -7.58
CA THR A 61 3.12 -13.31 -8.06
C THR A 61 3.38 -14.57 -7.22
N SER A 62 4.64 -14.88 -6.97
CA SER A 62 4.99 -16.07 -6.19
C SER A 62 4.25 -16.27 -4.85
N PRO A 63 3.99 -15.20 -4.10
CA PRO A 63 3.29 -15.35 -2.81
C PRO A 63 1.81 -15.75 -2.92
N ILE A 64 1.23 -15.69 -4.12
CA ILE A 64 -0.18 -16.03 -4.30
C ILE A 64 -0.56 -17.45 -3.87
N PRO A 65 0.11 -18.48 -4.39
CA PRO A 65 -0.26 -19.84 -3.97
C PRO A 65 -0.04 -20.02 -2.47
N LEU A 66 1.03 -19.45 -1.95
CA LEU A 66 1.34 -19.53 -0.53
C LEU A 66 0.16 -18.96 0.27
N THR A 67 -0.24 -17.74 -0.09
CA THR A 67 -1.33 -17.04 0.58
C THR A 67 -2.68 -17.74 0.39
N HIS A 68 -2.89 -18.29 -0.80
CA HIS A 68 -4.14 -18.97 -1.09
C HIS A 68 -4.30 -20.21 -0.20
N VAL A 69 -3.25 -21.03 -0.19
CA VAL A 69 -3.25 -22.26 0.60
C VAL A 69 -3.46 -21.94 2.08
N LEU A 70 -2.73 -20.94 2.57
CA LEU A 70 -2.87 -20.52 3.97
C LEU A 70 -4.30 -20.05 4.26
N ALA A 71 -4.82 -19.21 3.38
CA ALA A 71 -6.17 -18.67 3.53
C ALA A 71 -7.23 -19.75 3.58
N GLU A 72 -7.16 -20.70 2.64
CA GLU A 72 -8.14 -21.76 2.60
C GLU A 72 -8.05 -22.63 3.86
N ALA A 73 -6.84 -22.82 4.37
CA ALA A 73 -6.64 -23.65 5.57
C ALA A 73 -7.27 -22.98 6.79
N LEU A 74 -7.16 -21.66 6.86
CA LEU A 74 -7.71 -20.89 7.96
C LEU A 74 -9.16 -20.47 7.71
N GLY A 75 -9.68 -20.82 6.53
CA GLY A 75 -11.05 -20.48 6.19
C GLY A 75 -11.25 -18.99 5.96
N LEU A 76 -10.19 -18.31 5.56
CA LEU A 76 -10.26 -16.87 5.33
C LEU A 76 -10.15 -16.47 3.86
N PRO A 77 -10.61 -15.25 3.53
CA PRO A 77 -10.53 -14.74 2.16
C PRO A 77 -9.18 -14.05 2.11
N TYR A 78 -8.79 -13.56 0.94
CA TYR A 78 -7.55 -12.82 0.83
C TYR A 78 -7.63 -11.90 -0.37
N VAL A 79 -6.73 -10.94 -0.47
CA VAL A 79 -6.70 -10.05 -1.62
C VAL A 79 -5.27 -10.00 -2.13
N VAL A 80 -5.12 -9.58 -3.38
CA VAL A 80 -3.82 -9.52 -4.01
C VAL A 80 -3.56 -8.19 -4.68
N ALA A 81 -2.45 -7.56 -4.33
CA ALA A 81 -2.06 -6.30 -4.96
C ALA A 81 -1.24 -6.71 -6.18
N ARG A 82 -1.36 -5.94 -7.26
CA ARG A 82 -0.63 -6.22 -8.49
C ARG A 82 0.53 -5.24 -8.59
N ARG A 83 1.51 -5.55 -9.42
CA ARG A 83 2.67 -4.68 -9.59
C ARG A 83 2.56 -3.78 -10.81
N ARG A 84 1.38 -3.79 -11.44
CA ARG A 84 1.11 -2.93 -12.58
C ARG A 84 -0.39 -2.90 -12.83
N ARG A 85 -0.87 -1.79 -13.36
CA ARG A 85 -2.29 -1.67 -13.66
C ARG A 85 -2.66 -2.75 -14.67
N ARG A 86 -3.81 -3.39 -14.46
CA ARG A 86 -4.25 -4.42 -15.39
C ARG A 86 -5.54 -3.92 -16.07
N PRO A 87 -5.87 -4.50 -17.24
CA PRO A 87 -7.06 -4.11 -17.99
C PRO A 87 -8.35 -4.27 -17.19
N TYR A 88 -9.24 -3.27 -17.31
CA TYR A 88 -10.53 -3.27 -16.64
C TYR A 88 -10.43 -3.16 -15.12
N MET A 89 -9.28 -2.75 -14.63
CA MET A 89 -9.10 -2.60 -13.20
C MET A 89 -10.04 -1.50 -12.71
N GLU A 90 -10.70 -1.74 -11.59
CA GLU A 90 -11.65 -0.78 -11.02
C GLU A 90 -11.07 0.18 -9.99
N ASP A 91 -11.22 1.49 -10.27
CA ASP A 91 -10.77 2.59 -9.40
C ASP A 91 -9.85 2.04 -8.28
N PRO A 92 -8.64 1.63 -8.66
CA PRO A 92 -7.63 1.08 -7.74
C PRO A 92 -6.89 1.99 -6.79
N ILE A 93 -6.47 1.40 -5.67
CA ILE A 93 -5.67 2.10 -4.67
C ILE A 93 -4.25 1.88 -5.20
N ILE A 94 -3.50 2.97 -5.35
CA ILE A 94 -2.14 2.92 -5.87
C ILE A 94 -1.15 3.40 -4.82
N GLN A 95 -0.09 2.62 -4.61
CA GLN A 95 0.94 2.96 -3.62
C GLN A 95 2.33 2.65 -4.16
N GLU A 96 3.23 3.60 -3.97
CA GLU A 96 4.60 3.44 -4.45
C GLU A 96 5.47 2.80 -3.38
N VAL A 97 6.43 1.99 -3.82
CA VAL A 97 7.37 1.33 -2.92
C VAL A 97 8.65 2.15 -3.01
N GLN A 98 9.35 2.34 -1.90
CA GLN A 98 10.59 3.12 -1.95
C GLN A 98 11.63 2.47 -2.85
N THR A 99 11.55 1.15 -3.01
CA THR A 99 12.48 0.43 -3.86
C THR A 99 11.98 0.36 -5.29
C GLY A 105 9.02 1.47 -8.67
N GLU A 106 8.96 0.42 -7.86
CA GLU A 106 7.82 -0.49 -7.86
C GLU A 106 6.55 0.20 -7.39
N VAL A 107 5.45 -0.08 -8.07
CA VAL A 107 4.16 0.51 -7.73
C VAL A 107 3.15 -0.62 -7.55
N LEU A 108 2.40 -0.58 -6.45
CA LEU A 108 1.41 -1.60 -6.16
C LEU A 108 0.01 -1.11 -6.49
N TRP A 109 -0.79 -1.98 -7.09
CA TRP A 109 -2.15 -1.65 -7.49
C TRP A 109 -3.14 -2.61 -6.84
N LEU A 110 -4.13 -2.06 -6.13
CA LEU A 110 -5.14 -2.90 -5.50
C LEU A 110 -6.53 -2.57 -6.07
N ASP A 111 -7.13 -3.54 -6.74
CA ASP A 111 -8.45 -3.34 -7.33
C ASP A 111 -9.47 -2.91 -6.27
N ARG A 112 -10.35 -1.98 -6.64
CA ARG A 112 -11.36 -1.47 -5.71
C ARG A 112 -12.20 -2.59 -5.10
N ARG A 113 -12.51 -3.61 -5.89
CA ARG A 113 -13.29 -4.74 -5.41
C ARG A 113 -12.57 -5.45 -4.26
N PHE A 114 -11.24 -5.45 -4.30
CA PHE A 114 -10.46 -6.08 -3.23
C PHE A 114 -10.40 -5.13 -2.02
N ALA A 115 -10.23 -3.85 -2.29
CA ALA A 115 -10.15 -2.86 -1.21
C ALA A 115 -11.38 -2.91 -0.31
N GLU A 116 -12.54 -3.11 -0.92
CA GLU A 116 -13.78 -3.14 -0.18
C GLU A 116 -13.88 -4.35 0.75
N LYS A 117 -13.05 -5.37 0.50
CA LYS A 117 -13.05 -6.58 1.33
C LYS A 117 -12.27 -6.33 2.61
N LEU A 118 -11.41 -5.30 2.57
CA LEU A 118 -10.57 -4.96 3.71
C LEU A 118 -11.22 -3.98 4.70
N LEU A 119 -12.30 -3.34 4.27
CA LEU A 119 -12.99 -2.37 5.13
C LEU A 119 -13.47 -2.97 6.45
N ASN A 120 -13.02 -2.38 7.56
CA ASN A 120 -13.39 -2.82 8.90
C ASN A 120 -12.85 -4.22 9.23
N GLN A 121 -11.77 -4.64 8.57
CA GLN A 121 -11.23 -5.97 8.81
C GLN A 121 -9.85 -5.99 9.44
N ARG A 122 -9.55 -7.10 10.13
CA ARG A 122 -8.23 -7.27 10.72
C ARG A 122 -7.44 -8.00 9.65
N VAL A 123 -6.38 -7.36 9.18
CA VAL A 123 -5.58 -7.88 8.08
C VAL A 123 -4.17 -8.39 8.41
N VAL A 124 -3.78 -9.45 7.71
CA VAL A 124 -2.46 -10.04 7.88
C VAL A 124 -1.72 -9.98 6.55
N LEU A 125 -0.54 -9.37 6.56
CA LEU A 125 0.24 -9.27 5.36
C LEU A 125 1.07 -10.55 5.24
N VAL A 126 1.08 -11.11 4.03
CA VAL A 126 1.83 -12.33 3.79
C VAL A 126 2.72 -12.21 2.55
N SER A 127 3.95 -12.69 2.67
CA SER A 127 4.87 -12.70 1.54
C SER A 127 5.76 -13.93 1.64
N ASP A 128 6.45 -14.27 0.55
CA ASP A 128 7.32 -15.42 0.57
C ASP A 128 8.66 -15.03 1.21
N VAL A 129 9.17 -13.87 0.83
CA VAL A 129 10.44 -13.38 1.35
C VAL A 129 10.38 -11.91 1.75
N VAL A 130 11.00 -11.59 2.88
CA VAL A 130 11.04 -10.22 3.35
C VAL A 130 12.51 -9.81 3.41
N ALA A 131 12.81 -8.57 3.01
CA ALA A 131 14.17 -8.08 3.02
C ALA A 131 14.20 -6.73 3.74
N SER A 132 14.06 -5.64 2.99
CA SER A 132 14.06 -4.32 3.59
C SER A 132 12.74 -4.11 4.33
N GLY A 133 11.67 -4.68 3.79
CA GLY A 133 10.37 -4.54 4.42
C GLY A 133 9.53 -3.43 3.79
N GLU A 134 10.06 -2.81 2.75
CA GLU A 134 9.35 -1.72 2.07
C GLU A 134 8.05 -2.17 1.41
N THR A 135 8.11 -3.23 0.62
CA THR A 135 6.91 -3.73 -0.05
C THR A 135 5.78 -3.82 0.96
N MET A 136 6.08 -4.40 2.11
CA MET A 136 5.08 -4.53 3.15
C MET A 136 4.64 -3.20 3.76
N ARG A 137 5.52 -2.20 3.77
CA ARG A 137 5.14 -0.90 4.31
C ARG A 137 4.13 -0.30 3.33
N ALA A 138 4.43 -0.44 2.04
CA ALA A 138 3.55 0.05 0.99
C ALA A 138 2.18 -0.63 1.12
N MET A 139 2.20 -1.95 1.36
CA MET A 139 0.97 -2.71 1.52
C MET A 139 0.17 -2.26 2.73
N GLU A 140 0.87 -1.98 3.83
CA GLU A 140 0.21 -1.54 5.06
C GLU A 140 -0.55 -0.23 4.84
N LYS A 141 0.04 0.66 4.04
CA LYS A 141 -0.63 1.93 3.76
C LYS A 141 -1.89 1.69 2.95
N MET A 142 -1.83 0.76 2.00
CA MET A 142 -3.01 0.46 1.18
C MET A 142 -4.12 -0.04 2.07
N VAL A 143 -3.79 -0.89 3.04
CA VAL A 143 -4.78 -1.42 3.96
C VAL A 143 -5.41 -0.26 4.74
N LEU A 144 -4.58 0.67 5.19
CA LEU A 144 -5.07 1.83 5.96
C LEU A 144 -6.09 2.59 5.10
N ARG A 145 -5.71 2.91 3.88
CA ARG A 145 -6.60 3.63 2.97
C ARG A 145 -7.85 2.86 2.62
N ALA A 146 -7.78 1.53 2.75
CA ALA A 146 -8.93 0.69 2.46
C ALA A 146 -9.79 0.62 3.70
N GLY A 147 -9.32 1.24 4.78
CA GLY A 147 -10.09 1.23 6.02
C GLY A 147 -9.93 -0.07 6.79
N GLY A 148 -8.77 -0.70 6.63
CA GLY A 148 -8.52 -1.94 7.34
C GLY A 148 -7.41 -1.75 8.36
N HIS A 149 -7.16 -2.77 9.16
CA HIS A 149 -6.13 -2.71 10.19
C HIS A 149 -5.21 -3.94 10.15
N VAL A 150 -3.90 -3.70 10.08
CA VAL A 150 -2.93 -4.78 10.05
C VAL A 150 -2.65 -5.31 11.46
N VAL A 151 -2.76 -6.63 11.62
CA VAL A 151 -2.51 -7.25 12.91
C VAL A 151 -1.27 -8.14 12.90
N ALA A 152 -0.67 -8.33 11.73
CA ALA A 152 0.50 -9.17 11.62
C ALA A 152 1.12 -9.09 10.23
N ARG A 153 2.44 -9.28 10.17
CA ARG A 153 3.19 -9.25 8.92
C ARG A 153 4.02 -10.53 8.92
N LEU A 154 3.75 -11.40 7.96
CA LEU A 154 4.43 -12.69 7.86
C LEU A 154 5.09 -12.94 6.52
N ALA A 155 6.22 -13.64 6.57
CA ALA A 155 6.96 -14.02 5.37
C ALA A 155 7.63 -15.33 5.75
N VAL A 156 7.91 -16.17 4.78
CA VAL A 156 8.55 -17.46 5.08
C VAL A 156 10.03 -17.23 5.37
N PHE A 157 10.69 -16.48 4.49
CA PHE A 157 12.12 -16.22 4.62
C PHE A 157 12.47 -14.77 4.93
N ARG A 158 13.50 -14.61 5.75
CA ARG A 158 14.02 -13.31 6.16
C ARG A 158 15.36 -13.18 5.46
N GLN A 159 15.61 -12.02 4.88
CA GLN A 159 16.84 -11.77 4.14
C GLN A 159 17.58 -10.57 4.74
N GLY A 160 18.47 -10.88 5.68
CA GLY A 160 19.21 -9.83 6.36
C GLY A 160 18.33 -9.38 7.50
N THR A 161 18.36 -8.09 7.83
CA THR A 161 17.51 -7.57 8.89
C THR A 161 16.55 -6.56 8.28
N PRO A 162 15.24 -6.79 8.46
CA PRO A 162 14.23 -5.88 7.91
C PRO A 162 14.08 -4.61 8.74
N GLY A 163 13.82 -3.49 8.06
CA GLY A 163 13.63 -2.23 8.75
C GLY A 163 12.18 -2.18 9.19
N LEU A 164 11.59 -3.35 9.34
CA LEU A 164 10.20 -3.50 9.73
C LEU A 164 10.03 -4.78 10.54
N ALA A 165 9.08 -4.78 11.46
CA ALA A 165 8.82 -5.96 12.29
C ALA A 165 8.01 -6.99 11.50
N VAL A 166 8.68 -8.07 11.10
CA VAL A 166 8.03 -9.13 10.35
C VAL A 166 8.39 -10.51 10.88
N ASP A 167 7.40 -11.32 11.19
CA ASP A 167 7.65 -12.67 11.69
C ASP A 167 7.98 -13.60 10.53
N THR A 168 9.05 -14.37 10.69
CA THR A 168 9.49 -15.29 9.65
C THR A 168 9.79 -16.68 10.22
N VAL A 169 9.89 -17.66 9.32
CA VAL A 169 10.15 -19.04 9.71
C VAL A 169 11.62 -19.42 9.56
N ALA A 170 12.31 -18.82 8.61
CA ALA A 170 13.72 -19.12 8.40
C ALA A 170 14.44 -17.97 7.69
N GLU A 171 15.76 -17.97 7.81
CA GLU A 171 16.59 -16.93 7.20
C GLU A 171 17.23 -17.41 5.90
N LEU A 172 17.40 -16.49 4.97
CA LEU A 172 18.03 -16.79 3.69
C LEU A 172 19.46 -16.29 3.78
N PRO A 173 20.44 -17.21 3.79
CA PRO A 173 21.83 -16.75 3.89
C PRO A 173 22.23 -15.90 2.70
N VAL A 174 23.24 -15.06 2.90
CA VAL A 174 23.76 -14.21 1.84
C VAL A 174 25.09 -14.84 1.47
N LEU A 175 25.17 -15.43 0.29
CA LEU A 175 26.38 -16.11 -0.16
C LEU A 175 27.28 -15.26 -1.04
N MET B 1 -24.84 -0.75 -9.36
CA MET B 1 -23.71 -1.65 -9.70
C MET B 1 -24.21 -3.03 -10.13
N GLU B 2 -24.20 -3.25 -11.44
CA GLU B 2 -24.67 -4.50 -12.04
C GLU B 2 -23.77 -5.72 -11.79
N THR B 3 -24.40 -6.85 -11.51
CA THR B 3 -23.70 -8.10 -11.30
C THR B 3 -24.44 -9.18 -12.05
N TYR B 4 -23.75 -10.27 -12.36
CA TYR B 4 -24.35 -11.39 -13.08
C TYR B 4 -23.98 -12.66 -12.32
N PRO B 5 -24.96 -13.54 -12.08
CA PRO B 5 -24.69 -14.77 -11.35
C PRO B 5 -24.05 -15.92 -12.14
N ILE B 6 -22.86 -16.33 -11.72
CA ILE B 6 -22.16 -17.44 -12.35
C ILE B 6 -22.05 -18.56 -11.31
N THR B 7 -22.21 -19.80 -11.75
CA THR B 7 -22.15 -20.92 -10.82
C THR B 7 -21.29 -22.06 -11.30
N VAL B 8 -20.53 -22.63 -10.36
CA VAL B 8 -19.65 -23.76 -10.65
C VAL B 8 -19.67 -24.70 -9.44
N GLY B 9 -19.93 -25.97 -9.70
CA GLY B 9 -19.96 -26.96 -8.63
C GLY B 9 -20.67 -26.54 -7.36
N GLY B 10 -21.89 -26.03 -7.49
CA GLY B 10 -22.64 -25.61 -6.33
C GLY B 10 -22.34 -24.26 -5.71
N VAL B 11 -21.24 -23.64 -6.09
CA VAL B 11 -20.88 -22.33 -5.53
C VAL B 11 -21.25 -21.21 -6.49
N THR B 12 -22.07 -20.28 -6.01
CA THR B 12 -22.51 -19.17 -6.85
C THR B 12 -21.84 -17.87 -6.44
N ARG B 13 -21.52 -17.07 -7.44
CA ARG B 13 -20.89 -15.77 -7.24
C ARG B 13 -21.58 -14.72 -8.12
N HIS B 14 -21.93 -13.59 -7.52
CA HIS B 14 -22.57 -12.49 -8.23
C HIS B 14 -21.43 -11.56 -8.56
N VAL B 15 -21.01 -11.60 -9.83
CA VAL B 15 -19.86 -10.83 -10.28
C VAL B 15 -20.16 -9.64 -11.20
N PRO B 16 -19.31 -8.61 -11.13
CA PRO B 16 -19.48 -7.42 -11.97
C PRO B 16 -19.25 -7.82 -13.43
N LEU B 17 -19.56 -6.92 -14.36
CA LEU B 17 -19.38 -7.20 -15.77
C LEU B 17 -18.31 -6.29 -16.36
N ILE B 18 -17.60 -6.78 -17.37
CA ILE B 18 -16.59 -5.98 -18.06
C ILE B 18 -16.98 -5.98 -19.55
N GLU B 19 -16.61 -4.91 -20.26
CA GLU B 19 -16.94 -4.78 -21.68
C GLU B 19 -15.70 -4.77 -22.56
N PRO B 20 -15.12 -5.97 -22.84
CA PRO B 20 -13.93 -6.10 -23.67
C PRO B 20 -14.12 -5.64 -25.11
N LEU B 21 -15.38 -5.55 -25.53
CA LEU B 21 -15.74 -5.08 -26.86
C LEU B 21 -17.02 -4.30 -26.67
N PRO B 22 -17.18 -3.18 -27.40
CA PRO B 22 -18.38 -2.34 -27.29
C PRO B 22 -19.69 -3.10 -27.42
N GLY B 23 -20.56 -2.93 -26.43
CA GLY B 23 -21.85 -3.59 -26.43
C GLY B 23 -21.78 -5.11 -26.31
N ARG B 24 -20.63 -5.63 -25.88
CA ARG B 24 -20.44 -7.07 -25.73
C ARG B 24 -19.84 -7.35 -24.35
N ARG B 25 -20.69 -7.42 -23.34
CA ARG B 25 -20.23 -7.66 -21.97
C ARG B 25 -20.15 -9.11 -21.55
N ILE B 26 -19.26 -9.39 -20.59
CA ILE B 26 -19.11 -10.73 -20.04
C ILE B 26 -18.93 -10.63 -18.54
N PRO B 27 -19.33 -11.67 -17.79
CA PRO B 27 -19.19 -11.66 -16.33
C PRO B 27 -17.71 -11.74 -16.03
N LEU B 28 -17.26 -11.04 -14.99
CA LEU B 28 -15.84 -11.07 -14.63
C LEU B 28 -15.57 -12.28 -13.75
N VAL B 29 -14.79 -13.22 -14.26
CA VAL B 29 -14.44 -14.41 -13.51
C VAL B 29 -13.12 -14.16 -12.81
N GLU B 30 -13.11 -14.25 -11.48
CA GLU B 30 -11.89 -14.03 -10.71
C GLU B 30 -11.78 -15.04 -9.59
N PHE B 31 -10.79 -15.92 -9.68
CA PHE B 31 -10.55 -16.91 -8.64
C PHE B 31 -9.61 -16.34 -7.58
N LEU B 32 -8.79 -15.37 -7.95
CA LEU B 32 -7.86 -14.78 -6.98
C LEU B 32 -8.61 -14.27 -5.77
N GLY B 33 -8.13 -14.64 -4.59
CA GLY B 33 -8.74 -14.23 -3.33
C GLY B 33 -9.96 -15.01 -2.88
N ASP B 34 -10.37 -16.01 -3.67
CA ASP B 34 -11.59 -16.77 -3.36
C ASP B 34 -11.39 -18.28 -3.25
N PRO B 35 -10.88 -18.76 -2.10
CA PRO B 35 -10.66 -20.20 -1.90
C PRO B 35 -11.85 -21.11 -2.19
N GLU B 36 -13.03 -20.76 -1.69
CA GLU B 36 -14.22 -21.59 -1.90
C GLU B 36 -14.62 -21.74 -3.38
N PHE B 37 -14.57 -20.63 -4.11
CA PHE B 37 -14.95 -20.67 -5.52
C PHE B 37 -13.86 -21.41 -6.31
N THR B 38 -12.61 -21.19 -5.92
CA THR B 38 -11.49 -21.86 -6.57
C THR B 38 -11.57 -23.38 -6.36
N ARG B 39 -11.91 -23.79 -5.16
CA ARG B 39 -12.02 -25.21 -4.84
C ARG B 39 -13.11 -25.89 -5.67
N ALA B 40 -14.25 -25.23 -5.80
CA ALA B 40 -15.36 -25.78 -6.58
C ALA B 40 -14.94 -25.95 -8.04
N ALA B 41 -14.24 -24.95 -8.56
CA ALA B 41 -13.78 -25.00 -9.94
C ALA B 41 -12.71 -26.09 -10.13
N ALA B 42 -11.76 -26.16 -9.21
CA ALA B 42 -10.70 -27.17 -9.32
C ALA B 42 -11.33 -28.56 -9.25
N GLU B 43 -12.34 -28.74 -8.41
CA GLU B 43 -12.97 -30.05 -8.32
C GLU B 43 -13.79 -30.41 -9.54
N ALA B 44 -14.33 -29.41 -10.24
CA ALA B 44 -15.12 -29.67 -11.45
C ALA B 44 -14.20 -30.07 -12.61
N LEU B 45 -13.00 -29.50 -12.63
CA LEU B 45 -12.05 -29.81 -13.70
C LEU B 45 -11.33 -31.14 -13.48
N ARG B 46 -11.13 -31.48 -12.21
CA ARG B 46 -10.43 -32.69 -11.86
C ARG B 46 -10.82 -33.95 -12.63
N PRO B 47 -12.13 -34.24 -12.75
CA PRO B 47 -12.56 -35.43 -13.48
C PRO B 47 -12.23 -35.40 -14.96
N LEU B 48 -11.88 -34.22 -15.48
CA LEU B 48 -11.56 -34.05 -16.89
C LEU B 48 -10.08 -34.27 -17.19
N VAL B 49 -9.27 -34.35 -16.14
CA VAL B 49 -7.85 -34.56 -16.29
C VAL B 49 -7.53 -36.02 -16.65
N PRO B 50 -6.80 -36.24 -17.76
CA PRO B 50 -6.45 -37.60 -18.17
C PRO B 50 -5.63 -38.28 -17.08
N LYS B 51 -5.89 -39.55 -16.83
CA LYS B 51 -5.15 -40.28 -15.80
C LYS B 51 -3.66 -40.34 -16.14
N GLU B 52 -3.33 -40.14 -17.42
CA GLU B 52 -1.93 -40.19 -17.83
C GLU B 52 -1.18 -38.87 -17.59
N ALA B 53 -1.93 -37.80 -17.33
CA ALA B 53 -1.35 -36.48 -17.09
C ALA B 53 -0.19 -36.52 -16.09
N GLU B 54 0.87 -35.77 -16.39
CA GLU B 54 2.02 -35.71 -15.49
C GLU B 54 2.33 -34.30 -14.97
N ILE B 55 1.84 -33.27 -15.65
CA ILE B 55 2.12 -31.92 -15.19
C ILE B 55 1.12 -30.94 -15.78
N LEU B 56 0.79 -29.90 -15.00
CA LEU B 56 -0.15 -28.89 -15.45
C LEU B 56 0.63 -27.67 -15.94
N PHE B 57 0.00 -26.91 -16.83
CA PHE B 57 0.62 -25.74 -17.42
C PHE B 57 -0.43 -24.63 -17.47
N THR B 58 -0.12 -23.49 -16.85
CA THR B 58 -1.06 -22.38 -16.88
C THR B 58 -0.31 -21.07 -17.11
N THR B 59 -1.07 -19.98 -17.24
CA THR B 59 -0.50 -18.64 -17.45
C THR B 59 -0.97 -17.75 -16.32
N GLU B 60 -0.16 -16.76 -15.93
CA GLU B 60 -0.54 -15.86 -14.85
C GLU B 60 -1.72 -15.00 -15.32
N THR B 61 -2.50 -14.42 -14.41
CA THR B 61 -2.32 -14.53 -12.97
C THR B 61 -3.50 -15.24 -12.31
N SER B 62 -4.70 -14.86 -12.71
CA SER B 62 -5.92 -15.45 -12.14
C SER B 62 -5.98 -16.97 -12.12
N PRO B 63 -5.46 -17.63 -13.18
CA PRO B 63 -5.50 -19.10 -13.22
C PRO B 63 -4.58 -19.79 -12.22
N ILE B 64 -3.66 -19.03 -11.63
CA ILE B 64 -2.69 -19.61 -10.71
C ILE B 64 -3.30 -20.39 -9.54
N PRO B 65 -4.18 -19.75 -8.75
CA PRO B 65 -4.76 -20.49 -7.63
C PRO B 65 -5.56 -21.72 -8.09
N LEU B 66 -6.26 -21.58 -9.20
CA LEU B 66 -7.06 -22.68 -9.76
C LEU B 66 -6.15 -23.86 -10.13
N THR B 67 -5.07 -23.56 -10.82
CA THR B 67 -4.13 -24.60 -11.24
C THR B 67 -3.37 -25.19 -10.05
N HIS B 68 -3.02 -24.35 -9.08
CA HIS B 68 -2.30 -24.84 -7.92
C HIS B 68 -3.14 -25.88 -7.15
N VAL B 69 -4.39 -25.52 -6.89
CA VAL B 69 -5.31 -26.39 -6.16
C VAL B 69 -5.56 -27.69 -6.93
N LEU B 70 -5.74 -27.59 -8.24
CA LEU B 70 -5.97 -28.78 -9.05
C LEU B 70 -4.73 -29.68 -9.02
N ALA B 71 -3.55 -29.07 -9.18
CA ALA B 71 -2.29 -29.82 -9.16
C ALA B 71 -2.11 -30.60 -7.86
N GLU B 72 -2.29 -29.91 -6.73
CA GLU B 72 -2.15 -30.56 -5.43
C GLU B 72 -3.19 -31.68 -5.31
N ALA B 73 -4.41 -31.44 -5.78
CA ALA B 73 -5.47 -32.45 -5.73
C ALA B 73 -5.11 -33.70 -6.53
N LEU B 74 -4.38 -33.47 -7.62
CA LEU B 74 -3.95 -34.55 -8.49
C LEU B 74 -2.60 -35.13 -8.09
N GLY B 75 -1.92 -34.45 -7.17
CA GLY B 75 -0.60 -34.89 -6.74
C GLY B 75 0.43 -34.64 -7.84
N LEU B 76 0.21 -33.58 -8.62
CA LEU B 76 1.11 -33.22 -9.72
C LEU B 76 1.69 -31.82 -9.59
N PRO B 77 2.85 -31.58 -10.24
CA PRO B 77 3.43 -30.23 -10.16
C PRO B 77 2.82 -29.44 -11.33
N TYR B 78 3.22 -28.19 -11.51
CA TYR B 78 2.70 -27.40 -12.62
C TYR B 78 3.71 -26.29 -12.93
N VAL B 79 3.51 -25.60 -14.04
CA VAL B 79 4.40 -24.51 -14.40
C VAL B 79 3.55 -23.31 -14.76
N VAL B 80 4.16 -22.12 -14.71
CA VAL B 80 3.44 -20.90 -15.00
C VAL B 80 4.17 -20.01 -16.00
N ALA B 81 3.49 -19.70 -17.11
CA ALA B 81 4.05 -18.81 -18.11
C ALA B 81 3.68 -17.40 -17.64
N ARG B 82 4.63 -16.47 -17.72
CA ARG B 82 4.37 -15.09 -17.32
C ARG B 82 3.98 -14.28 -18.55
N ARG B 83 3.38 -13.11 -18.33
CA ARG B 83 2.94 -12.27 -19.44
C ARG B 83 3.93 -11.14 -19.75
N ARG B 84 5.08 -11.22 -19.09
CA ARG B 84 6.16 -10.25 -19.31
C ARG B 84 7.43 -10.82 -18.67
N ARG B 85 8.58 -10.40 -19.16
CA ARG B 85 9.83 -10.88 -18.58
C ARG B 85 9.95 -10.37 -17.16
N ARG B 86 10.43 -11.21 -16.26
CA ARG B 86 10.59 -10.82 -14.87
C ARG B 86 12.06 -10.84 -14.48
N PRO B 87 12.45 -10.01 -13.50
CA PRO B 87 13.83 -9.93 -13.04
C PRO B 87 14.43 -11.30 -12.72
N TYR B 88 15.64 -11.53 -13.23
CA TYR B 88 16.38 -12.78 -13.02
C TYR B 88 15.80 -13.98 -13.74
N MET B 89 14.85 -13.74 -14.63
CA MET B 89 14.25 -14.83 -15.39
C MET B 89 15.33 -15.51 -16.23
N GLU B 90 15.42 -16.83 -16.12
CA GLU B 90 16.44 -17.60 -16.83
C GLU B 90 16.03 -18.08 -18.23
N ASP B 91 16.95 -17.93 -19.18
CA ASP B 91 16.82 -18.31 -20.61
C ASP B 91 15.43 -18.81 -20.97
N PRO B 92 14.43 -17.93 -20.87
CA PRO B 92 13.03 -18.24 -21.15
C PRO B 92 12.58 -18.57 -22.55
N ILE B 93 11.50 -19.35 -22.62
CA ILE B 93 10.90 -19.67 -23.90
C ILE B 93 9.95 -18.48 -23.99
N ILE B 94 10.02 -17.75 -25.12
CA ILE B 94 9.19 -16.58 -25.36
C ILE B 94 8.30 -16.99 -26.52
N GLN B 95 7.00 -16.82 -26.35
CA GLN B 95 6.05 -17.21 -27.37
C GLN B 95 4.99 -16.14 -27.53
N GLU B 96 4.84 -15.65 -28.75
CA GLU B 96 3.87 -14.61 -29.04
C GLU B 96 2.48 -15.23 -29.19
N VAL B 97 1.50 -14.59 -28.56
CA VAL B 97 0.12 -15.06 -28.66
C VAL B 97 -0.39 -14.44 -29.95
N GLN B 98 -0.81 -15.28 -30.88
CA GLN B 98 -1.30 -14.80 -32.17
C GLN B 98 -2.44 -13.81 -32.07
N THR B 99 -2.11 -12.54 -32.31
CA THR B 99 -3.06 -11.43 -32.26
C THR B 99 -4.14 -11.52 -33.34
N GLY B 105 -0.18 -7.21 -28.90
CA GLY B 105 -0.41 -8.63 -28.66
C GLY B 105 0.33 -9.17 -27.44
N GLU B 106 -0.27 -10.15 -26.78
CA GLU B 106 0.34 -10.74 -25.60
C GLU B 106 1.53 -11.63 -25.96
N VAL B 107 2.49 -11.68 -25.05
CA VAL B 107 3.69 -12.49 -25.24
C VAL B 107 3.85 -13.28 -23.95
N LEU B 108 4.02 -14.59 -24.08
CA LEU B 108 4.18 -15.46 -22.91
C LEU B 108 5.66 -15.77 -22.68
N TRP B 109 6.04 -15.83 -21.40
CA TRP B 109 7.41 -16.11 -21.02
C TRP B 109 7.47 -17.29 -20.06
N LEU B 110 8.21 -18.33 -20.41
CA LEU B 110 8.35 -19.49 -19.53
C LEU B 110 9.81 -19.64 -19.10
N ASP B 111 10.06 -19.48 -17.80
CA ASP B 111 11.41 -19.61 -17.27
C ASP B 111 11.99 -20.97 -17.61
N ARG B 112 13.30 -20.99 -17.90
CA ARG B 112 13.98 -22.23 -18.27
C ARG B 112 13.78 -23.34 -17.23
N ARG B 113 13.80 -22.96 -15.95
CA ARG B 113 13.61 -23.91 -14.85
C ARG B 113 12.27 -24.64 -14.97
N PHE B 114 11.25 -23.96 -15.50
CA PHE B 114 9.94 -24.60 -15.67
C PHE B 114 9.97 -25.44 -16.94
N ALA B 115 10.56 -24.90 -17.99
CA ALA B 115 10.65 -25.60 -19.27
C ALA B 115 11.29 -26.99 -19.10
N GLU B 116 12.35 -27.05 -18.31
CA GLU B 116 13.07 -28.31 -18.09
C GLU B 116 12.16 -29.37 -17.49
N LYS B 117 11.09 -28.93 -16.81
CA LYS B 117 10.17 -29.84 -16.18
C LYS B 117 9.12 -30.40 -17.13
N LEU B 118 9.05 -29.85 -18.33
CA LEU B 118 8.06 -30.32 -19.28
C LEU B 118 8.65 -31.40 -20.20
N LEU B 119 9.97 -31.57 -20.17
CA LEU B 119 10.60 -32.54 -21.06
C LEU B 119 10.09 -33.97 -20.90
N ASN B 120 9.53 -34.50 -21.98
CA ASN B 120 8.98 -35.85 -22.04
C ASN B 120 7.78 -36.08 -21.16
N GLN B 121 7.13 -35.00 -20.75
CA GLN B 121 5.96 -35.10 -19.88
C GLN B 121 4.66 -34.94 -20.63
N ARG B 122 3.60 -35.57 -20.12
CA ARG B 122 2.29 -35.43 -20.73
C ARG B 122 1.72 -34.22 -20.00
N VAL B 123 1.51 -33.14 -20.75
CA VAL B 123 1.03 -31.91 -20.15
C VAL B 123 -0.44 -31.61 -20.34
N VAL B 124 -1.02 -30.99 -19.31
CA VAL B 124 -2.42 -30.61 -19.35
C VAL B 124 -2.47 -29.08 -19.22
N LEU B 125 -3.02 -28.41 -20.23
CA LEU B 125 -3.13 -26.96 -20.21
C LEU B 125 -4.37 -26.61 -19.40
N VAL B 126 -4.23 -25.60 -18.56
CA VAL B 126 -5.35 -25.17 -17.73
C VAL B 126 -5.52 -23.65 -17.75
N SER B 127 -6.75 -23.21 -17.86
CA SER B 127 -7.05 -21.79 -17.85
C SER B 127 -8.38 -21.59 -17.15
N ASP B 128 -8.65 -20.38 -16.68
CA ASP B 128 -9.93 -20.13 -16.04
C ASP B 128 -11.02 -19.95 -17.10
N VAL B 129 -10.67 -19.27 -18.19
CA VAL B 129 -11.61 -19.03 -19.27
C VAL B 129 -10.92 -19.24 -20.62
N VAL B 130 -11.66 -19.82 -21.57
CA VAL B 130 -11.13 -20.03 -22.91
C VAL B 130 -12.11 -19.33 -23.87
N ALA B 131 -11.56 -18.52 -24.77
CA ALA B 131 -12.40 -17.82 -25.74
C ALA B 131 -12.02 -18.27 -27.15
N SER B 132 -11.01 -17.64 -27.74
CA SER B 132 -10.57 -18.01 -29.08
C SER B 132 -9.73 -19.27 -29.01
N GLY B 133 -8.93 -19.37 -27.95
CA GLY B 133 -8.06 -20.51 -27.78
C GLY B 133 -6.63 -20.15 -28.14
N GLU B 134 -6.41 -18.91 -28.55
CA GLU B 134 -5.08 -18.44 -28.93
C GLU B 134 -4.06 -18.56 -27.82
N THR B 135 -4.46 -18.25 -26.59
CA THR B 135 -3.53 -18.34 -25.48
C THR B 135 -3.08 -19.79 -25.32
N MET B 136 -4.03 -20.72 -25.38
CA MET B 136 -3.68 -22.13 -25.24
C MET B 136 -2.85 -22.64 -26.43
N ARG B 137 -3.06 -22.09 -27.62
CA ARG B 137 -2.27 -22.51 -28.78
C ARG B 137 -0.82 -22.10 -28.51
N ALA B 138 -0.65 -20.91 -27.97
CA ALA B 138 0.68 -20.39 -27.63
C ALA B 138 1.29 -21.28 -26.54
N MET B 139 0.50 -21.60 -25.52
CA MET B 139 0.99 -22.45 -24.44
C MET B 139 1.45 -23.81 -24.96
N GLU B 140 0.64 -24.42 -25.83
CA GLU B 140 0.99 -25.73 -26.40
C GLU B 140 2.31 -25.66 -27.17
N LYS B 141 2.50 -24.60 -27.94
CA LYS B 141 3.74 -24.48 -28.69
C LYS B 141 4.94 -24.39 -27.74
N MET B 142 4.72 -23.78 -26.57
CA MET B 142 5.78 -23.66 -25.60
C MET B 142 6.07 -25.06 -25.04
N VAL B 143 5.01 -25.86 -24.89
CA VAL B 143 5.16 -27.22 -24.40
C VAL B 143 6.03 -28.02 -25.36
N LEU B 144 5.71 -27.94 -26.64
CA LEU B 144 6.46 -28.65 -27.68
C LEU B 144 7.93 -28.22 -27.69
N ARG B 145 8.16 -26.92 -27.60
CA ARG B 145 9.51 -26.38 -27.60
C ARG B 145 10.33 -26.86 -26.40
N ALA B 146 9.65 -27.16 -25.29
CA ALA B 146 10.34 -27.63 -24.09
C ALA B 146 10.58 -29.14 -24.13
N GLY B 147 9.96 -29.83 -25.09
CA GLY B 147 10.17 -31.26 -25.20
C GLY B 147 9.09 -32.19 -24.65
N GLY B 148 7.86 -31.71 -24.59
CA GLY B 148 6.75 -32.52 -24.11
C GLY B 148 5.57 -32.30 -25.02
N HIS B 149 4.39 -32.76 -24.63
CA HIS B 149 3.20 -32.54 -25.45
C HIS B 149 1.91 -32.55 -24.65
N VAL B 150 0.94 -31.80 -25.16
CA VAL B 150 -0.37 -31.63 -24.55
C VAL B 150 -1.32 -32.81 -24.73
N VAL B 151 -1.72 -33.41 -23.62
CA VAL B 151 -2.64 -34.56 -23.65
C VAL B 151 -4.06 -34.11 -23.29
N ALA B 152 -4.19 -32.85 -22.92
CA ALA B 152 -5.50 -32.30 -22.57
C ALA B 152 -5.41 -30.80 -22.35
N ARG B 153 -6.48 -30.11 -22.72
CA ARG B 153 -6.61 -28.65 -22.58
C ARG B 153 -7.92 -28.42 -21.83
N LEU B 154 -7.85 -27.77 -20.67
CA LEU B 154 -9.03 -27.55 -19.85
C LEU B 154 -9.20 -26.11 -19.42
N ALA B 155 -10.45 -25.67 -19.29
CA ALA B 155 -10.72 -24.33 -18.82
C ALA B 155 -12.06 -24.42 -18.10
N VAL B 156 -12.24 -23.62 -17.05
CA VAL B 156 -13.49 -23.67 -16.31
C VAL B 156 -14.65 -23.19 -17.16
N PHE B 157 -14.50 -21.99 -17.74
CA PHE B 157 -15.53 -21.38 -18.55
C PHE B 157 -15.23 -21.31 -20.04
N ARG B 158 -16.29 -21.38 -20.82
CA ARG B 158 -16.21 -21.33 -22.26
C ARG B 158 -16.93 -20.04 -22.66
N GLN B 159 -16.25 -19.18 -23.41
CA GLN B 159 -16.84 -17.93 -23.86
C GLN B 159 -17.01 -18.03 -25.38
N GLY B 160 -18.25 -18.11 -25.85
CA GLY B 160 -18.51 -18.22 -27.26
C GLY B 160 -18.11 -19.60 -27.76
N THR B 161 -17.48 -19.65 -28.93
CA THR B 161 -17.05 -20.93 -29.51
C THR B 161 -15.56 -20.86 -29.81
N PRO B 162 -14.74 -21.57 -29.02
CA PRO B 162 -13.29 -21.56 -29.22
C PRO B 162 -12.85 -22.15 -30.56
N GLY B 163 -11.75 -21.61 -31.09
CA GLY B 163 -11.22 -22.10 -32.35
C GLY B 163 -10.24 -23.23 -32.07
N LEU B 164 -10.38 -23.82 -30.89
CA LEU B 164 -9.52 -24.92 -30.45
C LEU B 164 -10.33 -25.88 -29.60
N ALA B 165 -9.95 -27.15 -29.59
CA ALA B 165 -10.64 -28.17 -28.81
C ALA B 165 -10.24 -28.07 -27.34
N VAL B 166 -11.18 -27.64 -26.50
CA VAL B 166 -10.93 -27.49 -25.06
C VAL B 166 -12.12 -27.95 -24.23
N ASP B 167 -11.84 -28.79 -23.23
CA ASP B 167 -12.88 -29.28 -22.34
C ASP B 167 -13.19 -28.19 -21.30
N THR B 168 -14.47 -27.84 -21.19
CA THR B 168 -14.90 -26.83 -20.22
C THR B 168 -16.10 -27.36 -19.43
N VAL B 169 -16.43 -26.70 -18.32
CA VAL B 169 -17.54 -27.16 -17.50
C VAL B 169 -18.71 -26.20 -17.48
N ALA B 170 -18.48 -24.97 -17.94
CA ALA B 170 -19.54 -23.97 -17.93
C ALA B 170 -19.38 -22.98 -19.07
N GLU B 171 -20.48 -22.32 -19.41
CA GLU B 171 -20.48 -21.32 -20.47
C GLU B 171 -20.51 -19.95 -19.85
N LEU B 172 -19.70 -19.04 -20.38
CA LEU B 172 -19.68 -17.68 -19.88
C LEU B 172 -20.50 -16.93 -20.91
N PRO B 173 -21.65 -16.38 -20.49
CA PRO B 173 -22.50 -15.65 -21.44
C PRO B 173 -21.95 -14.27 -21.80
N VAL B 174 -22.23 -13.83 -23.01
CA VAL B 174 -21.85 -12.48 -23.46
C VAL B 174 -23.20 -11.78 -23.41
N LEU B 175 -23.29 -10.71 -22.64
CA LEU B 175 -24.53 -9.98 -22.46
C LEU B 175 -24.64 -8.69 -23.28
N MET C 1 8.56 23.84 20.60
CA MET C 1 7.72 23.21 21.67
C MET C 1 8.26 21.84 22.02
N GLU C 2 8.10 21.45 23.27
CA GLU C 2 8.54 20.14 23.70
C GLU C 2 7.36 19.22 23.45
N THR C 3 7.63 18.06 22.86
CA THR C 3 6.58 17.11 22.59
C THR C 3 6.88 15.87 23.41
N TYR C 4 5.89 15.00 23.54
CA TYR C 4 6.08 13.78 24.30
C TYR C 4 5.58 12.64 23.43
N PRO C 5 6.33 11.53 23.38
CA PRO C 5 5.90 10.40 22.56
C PRO C 5 4.82 9.56 23.22
N ILE C 6 3.68 9.43 22.56
CA ILE C 6 2.60 8.60 23.07
C ILE C 6 2.37 7.50 22.04
N THR C 7 2.10 6.29 22.53
CA THR C 7 1.90 5.18 21.62
C THR C 7 0.69 4.33 21.94
N VAL C 8 -0.01 3.92 20.89
CA VAL C 8 -1.18 3.07 21.01
C VAL C 8 -1.17 2.15 19.79
N GLY C 9 -1.26 0.84 20.03
CA GLY C 9 -1.26 -0.12 18.95
C GLY C 9 -0.13 0.02 17.95
N GLY C 10 1.09 0.21 18.46
CA GLY C 10 2.23 0.33 17.57
C GLY C 10 2.35 1.64 16.81
N VAL C 11 1.44 2.57 17.05
CA VAL C 11 1.51 3.85 16.36
C VAL C 11 1.98 4.90 17.35
N THR C 12 3.05 5.60 17.00
CA THR C 12 3.61 6.61 17.88
C THR C 12 3.44 8.01 17.34
N ARG C 13 3.03 8.91 18.23
CA ARG C 13 2.85 10.31 17.87
C ARG C 13 3.56 11.17 18.92
N HIS C 14 4.19 12.25 18.47
CA HIS C 14 4.87 13.17 19.37
C HIS C 14 3.90 14.31 19.55
N VAL C 15 3.21 14.33 20.69
CA VAL C 15 2.22 15.34 20.97
C VAL C 15 2.65 16.40 21.96
N PRO C 16 1.97 17.56 21.95
CA PRO C 16 2.26 18.70 22.82
C PRO C 16 1.91 18.39 24.27
N LEU C 17 2.39 19.25 25.15
CA LEU C 17 2.13 19.13 26.57
C LEU C 17 1.26 20.29 26.99
N ILE C 18 0.32 20.03 27.88
CA ILE C 18 -0.56 21.07 28.39
C ILE C 18 -0.38 21.05 29.90
N GLU C 19 -0.78 22.13 30.56
CA GLU C 19 -0.63 22.22 32.00
C GLU C 19 -1.97 22.39 32.70
N PRO C 20 -2.66 21.27 32.94
CA PRO C 20 -3.97 21.28 33.60
C PRO C 20 -3.86 21.86 35.00
N LEU C 21 -2.76 21.53 35.67
CA LEU C 21 -2.48 22.02 37.02
C LEU C 21 -1.06 22.59 37.03
N PRO C 22 -0.85 23.70 37.73
CA PRO C 22 0.48 24.31 37.80
C PRO C 22 1.59 23.31 38.12
N GLY C 23 2.63 23.29 37.27
CA GLY C 23 3.74 22.39 37.48
C GLY C 23 3.47 20.95 37.10
N ARG C 24 2.27 20.68 36.61
CA ARG C 24 1.90 19.32 36.22
C ARG C 24 1.50 19.32 34.74
N ARG C 25 2.40 18.85 33.89
CA ARG C 25 2.13 18.81 32.45
C ARG C 25 1.91 17.39 31.97
N ILE C 26 0.89 17.23 31.11
CA ILE C 26 0.54 15.94 30.55
C ILE C 26 0.47 16.05 29.03
N PRO C 27 0.71 14.93 28.32
CA PRO C 27 0.66 14.95 26.87
C PRO C 27 -0.76 15.26 26.42
N LEU C 28 -0.91 16.02 25.34
CA LEU C 28 -2.23 16.35 24.85
C LEU C 28 -2.58 15.36 23.74
N VAL C 29 -3.61 14.56 23.97
CA VAL C 29 -4.04 13.57 22.99
C VAL C 29 -4.89 14.24 21.91
N GLU C 30 -4.64 13.86 20.66
CA GLU C 30 -5.39 14.41 19.55
C GLU C 30 -5.53 13.40 18.43
N PHE C 31 -6.72 12.80 18.33
CA PHE C 31 -6.97 11.84 17.27
C PHE C 31 -7.49 12.60 16.06
N LEU C 32 -8.12 13.75 16.29
CA LEU C 32 -8.63 14.57 15.19
C LEU C 32 -7.55 14.89 14.17
N GLY C 33 -7.84 14.61 12.90
CA GLY C 33 -6.92 14.87 11.82
C GLY C 33 -5.93 13.74 11.52
N ASP C 34 -6.05 12.64 12.25
CA ASP C 34 -5.11 11.51 12.13
C ASP C 34 -5.79 10.12 11.99
N PRO C 35 -6.18 9.73 10.77
CA PRO C 35 -6.83 8.43 10.56
C PRO C 35 -6.04 7.22 11.10
N GLU C 36 -4.75 7.15 10.81
CA GLU C 36 -3.95 6.03 11.27
C GLU C 36 -3.95 5.89 12.80
N PHE C 37 -3.73 7.00 13.50
CA PHE C 37 -3.69 6.97 14.96
C PHE C 37 -5.06 6.64 15.54
N THR C 38 -6.10 7.20 14.93
CA THR C 38 -7.47 6.97 15.39
C THR C 38 -7.85 5.49 15.26
N ARG C 39 -7.52 4.86 14.14
CA ARG C 39 -7.87 3.47 13.97
C ARG C 39 -7.08 2.58 14.94
N ALA C 40 -5.82 2.90 15.16
CA ALA C 40 -5.01 2.12 16.09
C ALA C 40 -5.68 2.15 17.47
N ALA C 41 -6.18 3.33 17.85
CA ALA C 41 -6.87 3.50 19.12
C ALA C 41 -8.22 2.77 19.15
N ALA C 42 -9.00 2.90 18.08
CA ALA C 42 -10.29 2.23 18.03
C ALA C 42 -10.09 0.71 18.17
N GLU C 43 -9.10 0.18 17.47
CA GLU C 43 -8.82 -1.25 17.52
C GLU C 43 -8.36 -1.67 18.91
N ALA C 44 -7.69 -0.78 19.62
CA ALA C 44 -7.21 -1.08 20.96
C ALA C 44 -8.42 -1.19 21.90
N LEU C 45 -9.46 -0.44 21.60
CA LEU C 45 -10.67 -0.45 22.43
C LEU C 45 -11.63 -1.61 22.13
N ARG C 46 -11.61 -2.09 20.90
CA ARG C 46 -12.51 -3.19 20.50
C ARG C 46 -12.59 -4.36 21.48
N PRO C 47 -11.44 -4.88 21.93
CA PRO C 47 -11.45 -6.01 22.86
C PRO C 47 -12.26 -5.74 24.13
N LEU C 48 -12.39 -4.46 24.47
CA LEU C 48 -13.09 -4.05 25.68
C LEU C 48 -14.59 -3.81 25.55
N VAL C 49 -15.13 -3.89 24.35
CA VAL C 49 -16.56 -3.68 24.18
C VAL C 49 -17.33 -4.97 24.49
N PRO C 50 -18.23 -4.95 25.48
CA PRO C 50 -19.01 -6.14 25.84
C PRO C 50 -19.76 -6.69 24.63
N LYS C 51 -19.94 -8.00 24.58
CA LYS C 51 -20.64 -8.63 23.47
C LYS C 51 -22.09 -8.17 23.43
N GLU C 52 -22.59 -7.73 24.58
CA GLU C 52 -23.98 -7.28 24.71
C GLU C 52 -24.24 -5.87 24.21
N ALA C 53 -23.17 -5.10 24.02
CA ALA C 53 -23.27 -3.71 23.56
C ALA C 53 -24.22 -3.52 22.38
N GLU C 54 -25.05 -2.50 22.45
CA GLU C 54 -26.00 -2.21 21.38
C GLU C 54 -25.71 -0.85 20.73
N ILE C 55 -25.16 0.09 21.51
CA ILE C 55 -24.88 1.43 20.96
C ILE C 55 -23.79 2.16 21.73
N LEU C 56 -22.97 2.95 21.02
CA LEU C 56 -21.90 3.72 21.65
C LEU C 56 -22.35 5.15 21.88
N PHE C 57 -21.78 5.78 22.90
CA PHE C 57 -22.12 7.14 23.28
C PHE C 57 -20.84 7.90 23.66
N THR C 58 -20.56 8.98 22.95
CA THR C 58 -19.38 9.80 23.24
C THR C 58 -19.79 11.28 23.25
N THR C 59 -18.83 12.16 23.56
CA THR C 59 -19.08 13.60 23.62
C THR C 59 -18.09 14.33 22.70
N GLU C 60 -18.56 15.35 21.99
CA GLU C 60 -17.68 16.09 21.10
C GLU C 60 -16.50 16.66 21.92
N THR C 61 -15.39 16.98 21.26
CA THR C 61 -15.24 16.82 19.82
C THR C 61 -14.18 15.78 19.45
N SER C 62 -13.02 15.87 20.09
CA SER C 62 -11.92 14.96 19.77
C SER C 62 -12.24 13.45 19.74
N PRO C 63 -13.16 12.97 20.59
CA PRO C 63 -13.50 11.54 20.59
C PRO C 63 -14.45 11.09 19.46
N ILE C 64 -14.91 12.02 18.63
CA ILE C 64 -15.85 11.63 17.57
C ILE C 64 -15.27 10.65 16.54
N PRO C 65 -14.10 10.95 15.95
CA PRO C 65 -13.56 10.00 14.97
C PRO C 65 -13.28 8.64 15.61
N LEU C 66 -12.76 8.67 16.83
CA LEU C 66 -12.46 7.47 17.59
C LEU C 66 -13.70 6.59 17.70
N THR C 67 -14.79 7.18 18.17
CA THR C 67 -16.05 6.46 18.34
C THR C 67 -16.70 6.04 17.03
N HIS C 68 -16.61 6.91 16.03
CA HIS C 68 -17.20 6.61 14.71
C HIS C 68 -16.50 5.39 14.12
N VAL C 69 -15.17 5.38 14.18
CA VAL C 69 -14.41 4.26 13.64
C VAL C 69 -14.68 2.96 14.40
N LEU C 70 -14.76 3.06 15.72
CA LEU C 70 -15.03 1.91 16.57
C LEU C 70 -16.44 1.37 16.30
N ALA C 71 -17.40 2.28 16.21
CA ALA C 71 -18.80 1.91 15.96
C ALA C 71 -18.96 1.19 14.62
N GLU C 72 -18.38 1.76 13.56
CA GLU C 72 -18.49 1.17 12.25
C GLU C 72 -17.79 -0.20 12.24
N ALA C 73 -16.65 -0.29 12.91
CA ALA C 73 -15.92 -1.56 12.96
C ALA C 73 -16.77 -2.66 13.61
N LEU C 74 -17.59 -2.29 14.59
CA LEU C 74 -18.42 -3.26 15.31
C LEU C 74 -19.84 -3.39 14.77
N GLY C 75 -20.17 -2.58 13.77
CA GLY C 75 -21.51 -2.63 13.20
C GLY C 75 -22.56 -2.07 14.14
N LEU C 76 -22.12 -1.18 15.03
CA LEU C 76 -23.02 -0.56 16.00
C LEU C 76 -23.23 0.92 15.71
N PRO C 77 -24.38 1.46 16.12
CA PRO C 77 -24.67 2.88 15.90
C PRO C 77 -24.05 3.60 17.08
N TYR C 78 -23.91 4.93 16.98
CA TYR C 78 -23.39 5.68 18.11
C TYR C 78 -24.08 7.02 18.15
N VAL C 79 -24.06 7.67 19.31
CA VAL C 79 -24.66 8.99 19.45
C VAL C 79 -23.60 9.92 20.01
N VAL C 80 -23.80 11.21 19.81
CA VAL C 80 -22.84 12.21 20.29
C VAL C 80 -23.48 13.34 21.08
N ALA C 81 -22.99 13.57 22.29
CA ALA C 81 -23.50 14.66 23.12
C ALA C 81 -22.69 15.90 22.73
N ARG C 82 -23.33 17.06 22.68
CA ARG C 82 -22.61 18.28 22.33
C ARG C 82 -22.26 19.06 23.59
N ARG C 83 -21.30 19.97 23.48
CA ARG C 83 -20.88 20.77 24.62
C ARG C 83 -21.54 22.15 24.63
N ARG C 84 -22.44 22.36 23.68
CA ARG C 84 -23.22 23.59 23.57
C ARG C 84 -24.39 23.31 22.65
N ARG C 85 -25.49 24.04 22.82
CA ARG C 85 -26.66 23.82 21.99
C ARG C 85 -26.40 24.09 20.52
N ARG C 86 -26.83 23.16 19.68
CA ARG C 86 -26.69 23.26 18.24
C ARG C 86 -27.94 23.95 17.71
N PRO C 87 -27.79 24.81 16.69
CA PRO C 87 -28.96 25.50 16.13
C PRO C 87 -30.02 24.51 15.67
N TYR C 88 -31.29 24.85 15.91
CA TYR C 88 -32.44 24.03 15.52
C TYR C 88 -32.49 22.71 16.28
N MET C 89 -31.75 22.62 17.37
CA MET C 89 -31.69 21.39 18.15
C MET C 89 -33.04 20.91 18.70
N GLU C 90 -33.31 19.62 18.50
CA GLU C 90 -34.54 18.98 18.94
C GLU C 90 -34.64 18.72 20.45
N ASP C 91 -35.65 19.29 21.11
CA ASP C 91 -35.91 19.11 22.55
C ASP C 91 -34.93 18.13 23.19
N PRO C 92 -33.66 18.57 23.35
CA PRO C 92 -32.54 17.81 23.91
C PRO C 92 -32.47 17.53 25.40
N ILE C 93 -31.73 16.48 25.75
CA ILE C 93 -31.51 16.15 27.16
C ILE C 93 -30.31 16.99 27.56
N ILE C 94 -30.46 17.78 28.61
CA ILE C 94 -29.38 18.63 29.07
C ILE C 94 -28.83 18.13 30.40
N GLN C 95 -27.51 18.07 30.51
CA GLN C 95 -26.88 17.59 31.74
C GLN C 95 -25.57 18.27 32.08
N GLU C 96 -25.54 18.94 33.23
CA GLU C 96 -24.34 19.63 33.66
C GLU C 96 -23.32 18.67 34.27
N VAL C 97 -22.05 18.93 34.00
CA VAL C 97 -20.96 18.12 34.50
C VAL C 97 -20.41 18.82 35.74
N GLN C 98 -19.80 18.05 36.65
CA GLN C 98 -19.24 18.63 37.87
C GLN C 98 -18.05 19.52 37.51
N THR C 99 -18.02 20.73 38.03
CA THR C 99 -16.94 21.67 37.76
C THR C 99 -15.68 21.30 38.55
C GLY C 105 -19.90 23.74 33.05
N GLU C 106 -19.07 22.90 32.44
CA GLU C 106 -19.43 22.22 31.20
C GLU C 106 -20.84 21.65 31.25
N VAL C 107 -21.58 21.80 30.15
CA VAL C 107 -22.94 21.28 30.04
C VAL C 107 -23.04 20.42 28.78
N LEU C 108 -23.60 19.23 28.92
CA LEU C 108 -23.77 18.33 27.77
C LEU C 108 -25.18 18.45 27.20
N TRP C 109 -25.28 18.34 25.87
CA TRP C 109 -26.56 18.40 25.18
C TRP C 109 -26.71 17.19 24.28
N LEU C 110 -27.82 16.47 24.41
CA LEU C 110 -28.06 15.29 23.58
C LEU C 110 -29.34 15.50 22.79
N ASP C 111 -29.20 15.64 21.48
CA ASP C 111 -30.36 15.84 20.61
C ASP C 111 -31.40 14.74 20.82
N ARG C 112 -32.66 15.13 20.66
CA ARG C 112 -33.80 14.23 20.82
C ARG C 112 -33.69 13.00 19.94
N ARG C 113 -33.32 13.20 18.68
CA ARG C 113 -33.19 12.06 17.77
C ARG C 113 -32.17 11.04 18.25
N PHE C 114 -31.12 11.49 18.95
CA PHE C 114 -30.10 10.57 19.48
C PHE C 114 -30.61 9.88 20.75
N ALA C 115 -31.19 10.67 21.65
CA ALA C 115 -31.70 10.13 22.91
C ALA C 115 -32.69 8.99 22.64
N GLU C 116 -33.46 9.09 21.57
CA GLU C 116 -34.43 8.04 21.26
C GLU C 116 -33.72 6.72 20.98
N LYS C 117 -32.53 6.81 20.38
CA LYS C 117 -31.73 5.64 20.03
C LYS C 117 -31.20 4.88 21.23
N LEU C 118 -31.33 5.47 22.43
CA LEU C 118 -30.81 4.85 23.64
C LEU C 118 -31.84 4.07 24.45
N LEU C 119 -33.10 4.23 24.10
CA LEU C 119 -34.20 3.59 24.81
C LEU C 119 -34.14 2.06 24.83
N ASN C 120 -34.10 1.50 26.04
CA ASN C 120 -34.05 0.05 26.22
C ASN C 120 -32.76 -0.52 25.65
N GLN C 121 -31.76 0.32 25.44
CA GLN C 121 -30.49 -0.14 24.86
C GLN C 121 -29.37 -0.27 25.87
N ARG C 122 -28.45 -1.19 25.59
CA ARG C 122 -27.29 -1.41 26.44
C ARG C 122 -26.19 -0.49 25.87
N VAL C 123 -25.90 0.58 26.59
CA VAL C 123 -24.94 1.59 26.14
C VAL C 123 -23.51 1.50 26.65
N VAL C 124 -22.58 1.81 25.76
CA VAL C 124 -21.17 1.81 26.09
C VAL C 124 -20.66 3.24 25.97
N LEU C 125 -20.10 3.76 27.05
CA LEU C 125 -19.57 5.12 27.05
C LEU C 125 -18.17 5.05 26.48
N VAL C 126 -17.81 5.99 25.62
CA VAL C 126 -16.49 5.99 25.01
C VAL C 126 -15.89 7.39 24.99
N SER C 127 -14.60 7.47 25.26
CA SER C 127 -13.89 8.74 25.25
C SER C 127 -12.43 8.48 24.90
N ASP C 128 -11.72 9.54 24.52
CA ASP C 128 -10.31 9.40 24.19
C ASP C 128 -9.51 9.32 25.48
N VAL C 129 -9.87 10.16 26.45
CA VAL C 129 -9.18 10.18 27.73
C VAL C 129 -10.17 10.34 28.87
N VAL C 130 -9.78 9.87 30.05
CA VAL C 130 -10.60 10.01 31.24
C VAL C 130 -9.68 10.42 32.38
N ALA C 131 -10.07 11.46 33.11
CA ALA C 131 -9.30 11.95 34.24
C ALA C 131 -10.12 11.74 35.49
N SER C 132 -11.00 12.70 35.79
CA SER C 132 -11.85 12.60 36.96
C SER C 132 -12.92 11.54 36.72
N GLY C 133 -13.61 11.68 35.59
CA GLY C 133 -14.67 10.76 35.24
C GLY C 133 -16.01 11.44 35.32
N GLU C 134 -15.99 12.72 35.64
CA GLU C 134 -17.23 13.50 35.76
C GLU C 134 -18.00 13.58 34.46
N THR C 135 -17.30 13.69 33.34
CA THR C 135 -17.96 13.78 32.05
C THR C 135 -18.77 12.49 31.82
N MET C 136 -18.16 11.35 32.12
CA MET C 136 -18.84 10.08 31.95
C MET C 136 -20.01 9.96 32.91
N ARG C 137 -19.85 10.44 34.15
CA ARG C 137 -20.93 10.40 35.12
C ARG C 137 -22.12 11.18 34.55
N ALA C 138 -21.83 12.31 33.91
CA ALA C 138 -22.87 13.12 33.31
C ALA C 138 -23.55 12.33 32.20
N MET C 139 -22.74 11.69 31.35
CA MET C 139 -23.25 10.90 30.23
C MET C 139 -24.17 9.77 30.70
N GLU C 140 -23.73 9.03 31.71
CA GLU C 140 -24.52 7.93 32.23
C GLU C 140 -25.85 8.42 32.76
N LYS C 141 -25.86 9.64 33.29
CA LYS C 141 -27.10 10.23 33.80
C LYS C 141 -28.05 10.46 32.63
N MET C 142 -27.49 10.88 31.51
CA MET C 142 -28.29 11.15 30.31
C MET C 142 -28.85 9.84 29.74
N VAL C 143 -28.04 8.78 29.83
CA VAL C 143 -28.45 7.47 29.36
C VAL C 143 -29.66 6.99 30.15
N LEU C 144 -29.55 7.06 31.47
CA LEU C 144 -30.63 6.63 32.36
C LEU C 144 -31.91 7.43 32.11
N ARG C 145 -31.76 8.71 31.78
CA ARG C 145 -32.93 9.54 31.53
C ARG C 145 -33.57 9.23 30.18
N ALA C 146 -32.74 8.75 29.26
CA ALA C 146 -33.21 8.40 27.91
C ALA C 146 -33.82 7.01 27.90
N GLY C 147 -33.81 6.31 29.03
CA GLY C 147 -34.38 4.98 29.08
C GLY C 147 -33.42 3.83 28.78
N GLY C 148 -32.12 4.07 28.89
CA GLY C 148 -31.16 3.01 28.64
C GLY C 148 -30.31 2.77 29.87
N HIS C 149 -29.30 1.92 29.75
CA HIS C 149 -28.40 1.66 30.87
C HIS C 149 -26.99 1.36 30.36
N VAL C 150 -26.00 1.85 31.10
CA VAL C 150 -24.58 1.67 30.73
C VAL C 150 -24.04 0.30 31.10
N VAL C 151 -23.46 -0.38 30.12
CA VAL C 151 -22.90 -1.71 30.37
C VAL C 151 -21.37 -1.68 30.37
N ALA C 152 -20.78 -0.53 30.04
CA ALA C 152 -19.33 -0.39 30.03
C ALA C 152 -18.91 1.05 29.77
N ARG C 153 -17.74 1.43 30.30
CA ARG C 153 -17.19 2.77 30.15
C ARG C 153 -15.75 2.60 29.68
N LEU C 154 -15.44 3.11 28.50
CA LEU C 154 -14.10 2.97 27.93
C LEU C 154 -13.41 4.26 27.54
N ALA C 155 -12.10 4.30 27.76
CA ALA C 155 -11.31 5.45 27.37
C ALA C 155 -9.97 4.88 26.91
N VAL C 156 -9.38 5.49 25.89
CA VAL C 156 -8.10 5.01 25.42
C VAL C 156 -7.07 5.25 26.52
N PHE C 157 -6.98 6.51 26.96
CA PHE C 157 -6.03 6.89 27.99
C PHE C 157 -6.65 7.23 29.33
N ARG C 158 -5.93 6.86 30.38
CA ARG C 158 -6.34 7.14 31.74
C ARG C 158 -5.33 8.16 32.27
N GLN C 159 -5.85 9.26 32.81
CA GLN C 159 -4.99 10.31 33.37
C GLN C 159 -5.21 10.35 34.87
N GLY C 160 -4.19 9.96 35.61
CA GLY C 160 -4.29 9.97 37.05
C GLY C 160 -5.20 8.84 37.51
N THR C 161 -5.99 9.10 38.55
CA THR C 161 -6.89 8.10 39.07
C THR C 161 -8.34 8.46 38.88
N PRO C 162 -9.03 7.76 37.97
CA PRO C 162 -10.44 8.05 37.73
C PRO C 162 -11.20 7.83 39.04
N GLY C 163 -12.20 8.66 39.29
CA GLY C 163 -12.98 8.50 40.49
C GLY C 163 -14.15 7.61 40.11
N LEU C 164 -13.95 6.78 39.08
CA LEU C 164 -15.00 5.91 38.57
C LEU C 164 -14.42 4.76 37.75
N ALA C 165 -15.08 3.60 37.80
CA ALA C 165 -14.64 2.43 37.04
C ALA C 165 -14.70 2.69 35.55
N VAL C 166 -13.53 2.69 34.91
CA VAL C 166 -13.45 2.93 33.47
C VAL C 166 -12.32 2.08 32.90
N ASP C 167 -12.61 1.28 31.88
CA ASP C 167 -11.59 0.44 31.26
C ASP C 167 -10.75 1.31 30.33
N THR C 168 -9.42 1.23 30.46
CA THR C 168 -8.55 2.01 29.61
C THR C 168 -7.47 1.14 28.98
N VAL C 169 -6.78 1.68 27.98
CA VAL C 169 -5.74 0.95 27.30
C VAL C 169 -4.36 1.37 27.81
N ALA C 170 -4.18 2.67 28.00
CA ALA C 170 -2.91 3.19 28.47
C ALA C 170 -3.09 4.29 29.51
N GLU C 171 -2.02 4.59 30.23
CA GLU C 171 -2.04 5.62 31.24
C GLU C 171 -1.12 6.75 30.82
N LEU C 172 -1.61 7.98 30.87
CA LEU C 172 -0.81 9.13 30.50
C LEU C 172 0.13 9.52 31.65
N PRO C 173 1.37 9.88 31.32
CA PRO C 173 2.35 10.27 32.35
C PRO C 173 2.13 11.72 32.78
N VAL C 174 2.89 12.14 33.78
CA VAL C 174 2.81 13.50 34.29
C VAL C 174 4.24 14.03 34.35
N LEU C 175 4.48 15.11 33.62
CA LEU C 175 5.82 15.70 33.55
C LEU C 175 5.90 17.06 34.24
N MET D 1 -42.87 14.30 13.59
CA MET D 1 -42.73 15.59 12.86
C MET D 1 -42.32 15.34 11.41
N GLU D 2 -42.51 16.35 10.58
CA GLU D 2 -42.19 16.30 9.15
C GLU D 2 -40.72 16.00 8.85
N THR D 3 -40.51 15.13 7.86
CA THR D 3 -39.17 14.75 7.44
C THR D 3 -39.14 14.78 5.92
N TYR D 4 -37.94 14.73 5.37
CA TYR D 4 -37.77 14.74 3.92
C TYR D 4 -36.69 13.70 3.57
N PRO D 5 -36.92 12.92 2.50
CA PRO D 5 -35.92 11.91 2.14
C PRO D 5 -34.70 12.49 1.42
N ILE D 6 -33.53 12.29 2.01
CA ILE D 6 -32.26 12.74 1.43
C ILE D 6 -31.52 11.44 1.06
N THR D 7 -30.88 11.42 -0.09
CA THR D 7 -30.16 10.22 -0.51
C THR D 7 -28.79 10.54 -1.08
N VAL D 8 -27.79 9.79 -0.63
CA VAL D 8 -26.42 9.96 -1.11
C VAL D 8 -25.86 8.58 -1.42
N GLY D 9 -25.34 8.40 -2.62
CA GLY D 9 -24.77 7.12 -3.00
C GLY D 9 -25.63 5.91 -2.65
N GLY D 10 -26.93 6.03 -2.85
CA GLY D 10 -27.83 4.91 -2.57
C GLY D 10 -28.29 4.76 -1.14
N VAL D 11 -27.79 5.60 -0.23
CA VAL D 11 -28.22 5.50 1.15
C VAL D 11 -29.28 6.57 1.38
N THR D 12 -30.42 6.15 1.92
CA THR D 12 -31.51 7.07 2.17
C THR D 12 -31.73 7.34 3.64
N ARG D 13 -32.07 8.59 3.94
CA ARG D 13 -32.33 9.00 5.30
C ARG D 13 -33.52 9.97 5.35
N HIS D 14 -34.36 9.81 6.36
CA HIS D 14 -35.50 10.68 6.51
C HIS D 14 -35.13 11.66 7.61
N VAL D 15 -34.80 12.88 7.18
CA VAL D 15 -34.36 13.90 8.11
C VAL D 15 -35.37 15.00 8.33
N PRO D 16 -35.30 15.65 9.50
CA PRO D 16 -36.22 16.74 9.85
C PRO D 16 -36.01 17.93 8.92
N LEU D 17 -37.02 18.80 8.87
CA LEU D 17 -36.96 20.00 8.06
C LEU D 17 -36.75 21.16 9.02
N ILE D 18 -35.81 22.04 8.70
CA ILE D 18 -35.59 23.21 9.54
C ILE D 18 -36.02 24.39 8.70
N GLU D 19 -36.16 25.56 9.31
CA GLU D 19 -36.61 26.72 8.58
C GLU D 19 -35.69 27.92 8.83
N PRO D 20 -34.48 27.90 8.24
CA PRO D 20 -33.47 28.96 8.36
C PRO D 20 -33.98 30.35 8.07
N LEU D 21 -34.95 30.46 7.15
CA LEU D 21 -35.56 31.73 6.80
C LEU D 21 -37.07 31.52 6.75
N PRO D 22 -37.86 32.48 7.28
CA PRO D 22 -39.32 32.32 7.28
C PRO D 22 -39.90 31.95 5.92
N GLY D 23 -40.60 30.82 5.87
CA GLY D 23 -41.20 30.38 4.62
C GLY D 23 -40.29 29.55 3.74
N ARG D 24 -39.04 29.35 4.15
CA ARG D 24 -38.10 28.55 3.38
C ARG D 24 -37.53 27.42 4.23
N ARG D 25 -38.00 26.21 3.97
CA ARG D 25 -37.56 25.06 4.73
C ARG D 25 -36.59 24.18 3.96
N ILE D 26 -35.62 23.61 4.66
CA ILE D 26 -34.62 22.74 4.04
C ILE D 26 -34.39 21.53 4.94
N PRO D 27 -33.97 20.41 4.37
CA PRO D 27 -33.70 19.19 5.14
C PRO D 27 -32.49 19.47 6.04
N LEU D 28 -32.46 18.85 7.21
CA LEU D 28 -31.35 19.03 8.14
C LEU D 28 -30.42 17.84 7.97
N VAL D 29 -29.25 18.08 7.39
CA VAL D 29 -28.28 17.02 7.16
C VAL D 29 -27.40 16.78 8.37
N GLU D 30 -27.36 15.53 8.83
CA GLU D 30 -26.53 15.17 9.98
C GLU D 30 -25.75 13.89 9.70
N PHE D 31 -24.43 13.99 9.70
CA PHE D 31 -23.62 12.81 9.45
C PHE D 31 -23.21 12.14 10.75
N LEU D 32 -23.19 12.91 11.83
CA LEU D 32 -22.81 12.38 13.14
C LEU D 32 -23.66 11.20 13.56
N GLY D 33 -23.00 10.16 14.08
CA GLY D 33 -23.70 8.97 14.52
C GLY D 33 -24.18 8.08 13.40
N ASP D 34 -23.75 8.33 12.17
CA ASP D 34 -24.22 7.54 11.04
C ASP D 34 -23.13 7.07 10.07
N PRO D 35 -22.37 6.03 10.44
CA PRO D 35 -21.29 5.51 9.59
C PRO D 35 -21.67 5.17 8.14
N GLU D 36 -22.83 4.55 7.94
CA GLU D 36 -23.23 4.18 6.59
C GLU D 36 -23.43 5.37 5.66
N PHE D 37 -24.14 6.37 6.16
CA PHE D 37 -24.43 7.58 5.39
C PHE D 37 -23.15 8.40 5.18
N THR D 38 -22.31 8.44 6.21
CA THR D 38 -21.05 9.17 6.15
C THR D 38 -20.12 8.58 5.08
N ARG D 39 -20.03 7.26 5.02
CA ARG D 39 -19.14 6.62 4.03
C ARG D 39 -19.66 6.79 2.59
N ALA D 40 -20.98 6.76 2.41
CA ALA D 40 -21.56 6.95 1.07
C ALA D 40 -21.26 8.37 0.59
N ALA D 41 -21.28 9.33 1.52
CA ALA D 41 -21.00 10.71 1.19
C ALA D 41 -19.52 10.92 0.88
N ALA D 42 -18.66 10.31 1.70
CA ALA D 42 -17.21 10.42 1.51
C ALA D 42 -16.85 9.80 0.17
N GLU D 43 -17.46 8.65 -0.12
CA GLU D 43 -17.20 7.98 -1.39
C GLU D 43 -17.66 8.83 -2.55
N ALA D 44 -18.71 9.61 -2.35
CA ALA D 44 -19.22 10.46 -3.43
C ALA D 44 -18.27 11.62 -3.69
N LEU D 45 -17.59 12.11 -2.66
CA LEU D 45 -16.68 13.24 -2.80
C LEU D 45 -15.30 12.83 -3.30
N ARG D 46 -14.88 11.61 -2.99
CA ARG D 46 -13.54 11.19 -3.39
C ARG D 46 -13.14 11.51 -4.83
N PRO D 47 -13.99 11.18 -5.83
CA PRO D 47 -13.67 11.46 -7.23
C PRO D 47 -13.48 12.95 -7.51
N LEU D 48 -13.99 13.80 -6.62
CA LEU D 48 -13.89 15.24 -6.79
C LEU D 48 -12.57 15.83 -6.26
N VAL D 49 -11.81 15.05 -5.50
CA VAL D 49 -10.56 15.53 -4.94
C VAL D 49 -9.43 15.52 -5.97
N PRO D 50 -8.75 16.67 -6.16
CA PRO D 50 -7.65 16.74 -7.12
C PRO D 50 -6.46 15.89 -6.66
N LYS D 51 -5.67 15.41 -7.61
CA LYS D 51 -4.54 14.55 -7.28
C LYS D 51 -3.44 15.25 -6.50
N GLU D 52 -3.29 16.55 -6.68
CA GLU D 52 -2.25 17.29 -5.98
C GLU D 52 -2.63 17.66 -4.56
N ALA D 53 -3.80 17.22 -4.11
CA ALA D 53 -4.25 17.53 -2.76
C ALA D 53 -3.28 16.94 -1.73
N GLU D 54 -2.94 17.73 -0.72
CA GLU D 54 -2.04 17.27 0.31
C GLU D 54 -2.65 17.20 1.71
N ILE D 55 -3.72 17.97 1.94
CA ILE D 55 -4.38 17.96 3.24
C ILE D 55 -5.80 18.51 3.15
N LEU D 56 -6.70 18.01 4.01
CA LEU D 56 -8.08 18.47 3.99
C LEU D 56 -8.32 19.40 5.17
N PHE D 57 -9.28 20.30 5.02
CA PHE D 57 -9.61 21.29 6.05
C PHE D 57 -11.13 21.35 6.13
N THR D 58 -11.66 21.14 7.33
CA THR D 58 -13.10 21.17 7.55
C THR D 58 -13.38 21.91 8.86
N THR D 59 -14.67 22.08 9.18
CA THR D 59 -15.08 22.77 10.40
C THR D 59 -15.95 21.81 11.22
N GLU D 60 -15.89 21.92 12.56
CA GLU D 60 -16.71 21.05 13.40
C GLU D 60 -18.17 21.48 13.23
N THR D 61 -19.12 20.62 13.56
CA THR D 61 -18.87 19.29 14.08
C THR D 61 -19.30 18.19 13.09
N SER D 62 -20.49 18.34 12.51
CA SER D 62 -21.02 17.34 11.58
C SER D 62 -20.13 16.92 10.43
N PRO D 63 -19.32 17.84 9.87
CA PRO D 63 -18.44 17.45 8.76
C PRO D 63 -17.23 16.61 9.19
N ILE D 64 -17.02 16.48 10.49
CA ILE D 64 -15.85 15.73 10.96
C ILE D 64 -15.76 14.28 10.51
N PRO D 65 -16.83 13.48 10.72
CA PRO D 65 -16.76 12.08 10.29
C PRO D 65 -16.54 11.99 8.78
N LEU D 66 -17.24 12.83 8.05
CA LEU D 66 -17.14 12.88 6.59
C LEU D 66 -15.70 13.11 6.12
N THR D 67 -15.08 14.13 6.67
CA THR D 67 -13.72 14.49 6.31
C THR D 67 -12.74 13.40 6.75
N HIS D 68 -12.97 12.84 7.92
CA HIS D 68 -12.11 11.79 8.44
C HIS D 68 -12.11 10.57 7.52
N VAL D 69 -13.29 10.09 7.16
CA VAL D 69 -13.38 8.93 6.28
C VAL D 69 -12.79 9.21 4.91
N LEU D 70 -12.97 10.42 4.42
CA LEU D 70 -12.42 10.80 3.11
C LEU D 70 -10.89 10.87 3.18
N ALA D 71 -10.36 11.52 4.22
CA ALA D 71 -8.92 11.66 4.39
C ALA D 71 -8.25 10.29 4.48
N GLU D 72 -8.86 9.38 5.24
CA GLU D 72 -8.33 8.03 5.38
C GLU D 72 -8.25 7.34 4.02
N ALA D 73 -9.35 7.37 3.27
CA ALA D 73 -9.39 6.75 1.95
C ALA D 73 -8.33 7.34 1.02
N LEU D 74 -8.09 8.64 1.16
CA LEU D 74 -7.11 9.35 0.33
C LEU D 74 -5.67 9.19 0.82
N GLY D 75 -5.52 8.81 2.08
CA GLY D 75 -4.19 8.65 2.64
C GLY D 75 -3.60 9.99 3.03
N LEU D 76 -4.48 10.94 3.36
CA LEU D 76 -4.05 12.27 3.74
C LEU D 76 -4.50 12.64 5.14
N PRO D 77 -3.87 13.67 5.72
CA PRO D 77 -4.22 14.14 7.06
C PRO D 77 -5.26 15.23 6.83
N TYR D 78 -5.88 15.71 7.90
CA TYR D 78 -6.86 16.79 7.78
C TYR D 78 -6.79 17.61 9.05
N VAL D 79 -7.33 18.83 8.99
CA VAL D 79 -7.36 19.70 10.16
C VAL D 79 -8.79 20.15 10.37
N VAL D 80 -9.10 20.57 11.59
CA VAL D 80 -10.46 20.99 11.90
C VAL D 80 -10.51 22.34 12.62
N ALA D 81 -11.26 23.27 12.05
CA ALA D 81 -11.42 24.58 12.67
C ALA D 81 -12.57 24.44 13.67
N ARG D 82 -12.41 25.05 14.84
CA ARG D 82 -13.42 25.00 15.88
C ARG D 82 -14.36 26.19 15.73
N ARG D 83 -15.54 26.11 16.34
CA ARG D 83 -16.50 27.20 16.27
C ARG D 83 -16.52 27.99 17.58
N ARG D 84 -15.55 27.70 18.44
CA ARG D 84 -15.39 28.39 19.72
C ARG D 84 -14.06 27.93 20.30
N ARG D 85 -13.39 28.80 21.04
CA ARG D 85 -12.11 28.43 21.64
C ARG D 85 -12.32 27.33 22.67
N ARG D 86 -11.41 26.36 22.70
CA ARG D 86 -11.50 25.29 23.68
C ARG D 86 -10.33 25.47 24.64
N PRO D 87 -10.46 25.00 25.88
CA PRO D 87 -9.36 25.15 26.84
C PRO D 87 -8.00 24.65 26.33
N TYR D 88 -6.95 25.37 26.73
CA TYR D 88 -5.58 25.05 26.37
C TYR D 88 -5.29 25.20 24.88
N MET D 89 -6.16 25.89 24.16
CA MET D 89 -5.95 26.11 22.74
C MET D 89 -4.69 26.94 22.53
N GLU D 90 -3.78 26.39 21.74
CA GLU D 90 -2.49 26.98 21.41
C GLU D 90 -2.57 28.08 20.35
N ASP D 91 -2.15 29.30 20.73
CA ASP D 91 -2.13 30.47 19.83
C ASP D 91 -2.86 30.23 18.52
N PRO D 92 -4.19 30.12 18.56
CA PRO D 92 -5.04 29.88 17.40
C PRO D 92 -5.26 31.00 16.40
N ILE D 93 -5.46 30.61 15.14
CA ILE D 93 -5.76 31.58 14.09
C ILE D 93 -7.26 31.79 14.25
N ILE D 94 -7.67 33.04 14.34
CA ILE D 94 -9.09 33.36 14.53
C ILE D 94 -9.66 34.08 13.32
N GLN D 95 -10.82 33.63 12.85
CA GLN D 95 -11.44 34.24 11.68
C GLN D 95 -12.96 34.32 11.78
N GLU D 96 -13.50 35.50 11.55
CA GLU D 96 -14.94 35.71 11.63
C GLU D 96 -15.60 35.43 10.28
N VAL D 97 -16.79 34.82 10.32
CA VAL D 97 -17.54 34.50 9.12
C VAL D 97 -18.66 35.55 8.95
N GLN D 98 -18.86 36.04 7.72
CA GLN D 98 -19.88 37.06 7.44
C GLN D 98 -21.24 36.76 8.07
N THR D 99 -21.76 37.72 8.82
CA THR D 99 -23.03 37.59 9.55
C THR D 99 -24.26 38.25 8.89
N LEU D 100 -25.17 38.69 9.75
CA LEU D 100 -26.41 39.36 9.33
C LEU D 100 -26.20 40.79 9.81
N THR D 101 -26.09 40.89 11.13
CA THR D 101 -25.82 42.12 11.90
C THR D 101 -25.98 41.87 13.40
N VAL D 104 -22.14 40.16 15.71
CA VAL D 104 -20.98 39.47 15.16
C VAL D 104 -21.34 38.04 14.77
N GLY D 105 -20.91 37.62 13.57
CA GLY D 105 -21.21 36.28 13.10
C GLY D 105 -20.37 35.16 13.70
N GLU D 106 -20.43 33.99 13.06
CA GLU D 106 -19.69 32.83 13.51
C GLU D 106 -18.19 33.14 13.51
N VAL D 107 -17.47 32.59 14.49
CA VAL D 107 -16.03 32.79 14.58
C VAL D 107 -15.34 31.43 14.53
N LEU D 108 -14.43 31.26 13.57
CA LEU D 108 -13.70 30.01 13.42
C LEU D 108 -12.35 30.11 14.13
N TRP D 109 -11.98 29.03 14.81
CA TRP D 109 -10.73 28.97 15.55
C TRP D 109 -9.90 27.78 15.05
N LEU D 110 -8.67 28.03 14.61
CA LEU D 110 -7.81 26.94 14.15
C LEU D 110 -6.54 26.86 14.99
N ASP D 111 -6.40 25.77 15.74
CA ASP D 111 -5.25 25.57 16.60
C ASP D 111 -3.92 25.67 15.85
N ARG D 112 -2.92 26.25 16.52
CA ARG D 112 -1.59 26.43 15.93
C ARG D 112 -1.03 25.12 15.37
N ARG D 113 -1.19 24.03 16.13
CA ARG D 113 -0.70 22.74 15.67
C ARG D 113 -1.30 22.39 14.31
N PHE D 114 -2.54 22.77 14.09
CA PHE D 114 -3.18 22.51 12.80
C PHE D 114 -2.69 23.53 11.77
N ALA D 115 -2.59 24.79 12.19
CA ALA D 115 -2.12 25.85 11.28
C ALA D 115 -0.75 25.49 10.72
N GLU D 116 0.09 24.89 11.57
CA GLU D 116 1.44 24.49 11.18
C GLU D 116 1.44 23.48 10.03
N LYS D 117 0.42 22.64 10.00
CA LYS D 117 0.34 21.61 8.97
C LYS D 117 -0.13 22.11 7.62
N LEU D 118 -0.53 23.38 7.54
CA LEU D 118 -1.00 23.93 6.27
C LEU D 118 0.09 24.67 5.51
N LEU D 119 1.19 24.96 6.20
CA LEU D 119 2.30 25.68 5.58
C LEU D 119 2.75 25.06 4.27
N ASN D 120 2.66 25.85 3.20
CA ASN D 120 3.07 25.40 1.86
C ASN D 120 2.34 24.16 1.35
N GLN D 121 1.17 23.89 1.90
CA GLN D 121 0.40 22.72 1.47
C GLN D 121 -0.73 23.07 0.52
N ARG D 122 -1.11 22.11 -0.30
CA ARG D 122 -2.22 22.28 -1.22
C ARG D 122 -3.41 21.76 -0.43
N VAL D 123 -4.24 22.69 0.01
CA VAL D 123 -5.41 22.38 0.83
C VAL D 123 -6.74 22.24 0.10
N VAL D 124 -7.55 21.30 0.57
CA VAL D 124 -8.87 21.08 0.00
C VAL D 124 -9.88 21.34 1.11
N LEU D 125 -10.79 22.28 0.88
CA LEU D 125 -11.81 22.59 1.88
C LEU D 125 -12.93 21.57 1.72
N VAL D 126 -13.43 21.06 2.84
CA VAL D 126 -14.50 20.06 2.79
C VAL D 126 -15.60 20.41 3.79
N SER D 127 -16.84 20.26 3.36
CA SER D 127 -17.97 20.52 4.24
C SER D 127 -19.13 19.61 3.85
N ASP D 128 -20.10 19.49 4.73
CA ASP D 128 -21.26 18.66 4.43
C ASP D 128 -22.18 19.46 3.51
N VAL D 129 -22.36 20.74 3.83
CA VAL D 129 -23.24 21.59 3.03
C VAL D 129 -22.64 22.96 2.76
N VAL D 130 -22.97 23.52 1.60
CA VAL D 130 -22.54 24.86 1.26
C VAL D 130 -23.75 25.61 0.75
N ALA D 131 -23.91 26.84 1.23
CA ALA D 131 -25.02 27.68 0.80
C ALA D 131 -24.38 28.93 0.23
N SER D 132 -24.23 29.97 1.05
CA SER D 132 -23.63 31.21 0.58
C SER D 132 -22.17 30.98 0.24
N GLY D 133 -21.50 30.15 1.03
CA GLY D 133 -20.09 29.90 0.79
C GLY D 133 -19.24 30.76 1.72
N GLU D 134 -19.89 31.47 2.65
CA GLU D 134 -19.20 32.34 3.59
C GLU D 134 -18.31 31.59 4.58
N THR D 135 -18.73 30.40 4.97
CA THR D 135 -17.91 29.61 5.89
C THR D 135 -16.62 29.26 5.16
N MET D 136 -16.73 28.81 3.91
CA MET D 136 -15.54 28.45 3.16
C MET D 136 -14.66 29.64 2.84
N ARG D 137 -15.27 30.82 2.66
CA ARG D 137 -14.47 32.01 2.38
C ARG D 137 -13.60 32.27 3.61
N ALA D 138 -14.19 32.10 4.78
CA ALA D 138 -13.46 32.31 6.03
C ALA D 138 -12.34 31.27 6.21
N MET D 139 -12.63 30.04 5.82
CA MET D 139 -11.63 28.98 5.94
C MET D 139 -10.45 29.24 5.02
N GLU D 140 -10.71 29.66 3.80
CA GLU D 140 -9.64 29.93 2.86
C GLU D 140 -8.72 31.03 3.36
N LYS D 141 -9.29 32.03 4.03
CA LYS D 141 -8.49 33.12 4.57
C LYS D 141 -7.55 32.56 5.63
N MET D 142 -8.04 31.60 6.41
CA MET D 142 -7.23 30.99 7.45
C MET D 142 -6.09 30.23 6.78
N VAL D 143 -6.40 29.54 5.69
CA VAL D 143 -5.40 28.78 4.95
C VAL D 143 -4.27 29.73 4.52
N LEU D 144 -4.65 30.78 3.78
CA LEU D 144 -3.69 31.77 3.31
C LEU D 144 -2.82 32.28 4.44
N ARG D 145 -3.44 32.62 5.57
CA ARG D 145 -2.71 33.13 6.72
C ARG D 145 -1.79 32.10 7.35
N ALA D 146 -2.07 30.82 7.12
CA ALA D 146 -1.24 29.75 7.66
C ALA D 146 -0.11 29.46 6.67
N GLY D 147 -0.13 30.14 5.53
CA GLY D 147 0.92 29.94 4.54
C GLY D 147 0.65 28.85 3.53
N GLY D 148 -0.61 28.47 3.38
CA GLY D 148 -0.96 27.46 2.41
C GLY D 148 -1.93 28.03 1.41
N HIS D 149 -2.38 27.23 0.45
CA HIS D 149 -3.36 27.71 -0.52
C HIS D 149 -4.38 26.62 -0.86
N VAL D 150 -5.57 27.05 -1.23
CA VAL D 150 -6.67 26.15 -1.56
C VAL D 150 -6.68 25.70 -3.02
N VAL D 151 -6.72 24.39 -3.24
CA VAL D 151 -6.73 23.85 -4.59
C VAL D 151 -8.11 23.32 -4.98
N ALA D 152 -9.02 23.28 -4.01
CA ALA D 152 -10.38 22.81 -4.25
C ALA D 152 -11.27 23.02 -3.04
N ARG D 153 -12.57 23.16 -3.30
CA ARG D 153 -13.57 23.35 -2.26
C ARG D 153 -14.67 22.34 -2.57
N LEU D 154 -14.93 21.46 -1.62
CA LEU D 154 -15.92 20.42 -1.82
C LEU D 154 -16.98 20.40 -0.72
N ALA D 155 -18.19 20.02 -1.11
CA ALA D 155 -19.30 19.88 -0.17
C ALA D 155 -20.23 18.80 -0.71
N VAL D 156 -20.83 18.02 0.17
CA VAL D 156 -21.74 16.99 -0.29
C VAL D 156 -22.96 17.65 -0.93
N PHE D 157 -23.54 18.60 -0.20
CA PHE D 157 -24.75 19.30 -0.65
C PHE D 157 -24.59 20.79 -0.95
N ARG D 158 -25.31 21.24 -1.96
CA ARG D 158 -25.32 22.65 -2.33
C ARG D 158 -26.72 23.15 -2.02
N GLN D 159 -26.84 24.27 -1.30
CA GLN D 159 -28.16 24.81 -1.05
C GLN D 159 -28.30 25.98 -2.02
N GLY D 160 -29.11 25.81 -3.05
CA GLY D 160 -29.26 26.87 -4.03
C GLY D 160 -27.94 27.14 -4.72
N THR D 161 -27.72 28.39 -5.13
CA THR D 161 -26.48 28.77 -5.81
C THR D 161 -25.51 29.47 -4.87
N PRO D 162 -24.35 28.85 -4.60
CA PRO D 162 -23.35 29.45 -3.71
C PRO D 162 -22.69 30.66 -4.38
N GLY D 163 -22.29 31.63 -3.57
CA GLY D 163 -21.64 32.81 -4.11
C GLY D 163 -20.17 32.57 -4.41
N LEU D 164 -19.71 31.36 -4.10
CA LEU D 164 -18.32 30.97 -4.31
C LEU D 164 -18.30 29.62 -5.04
N ALA D 165 -17.36 29.44 -5.96
CA ALA D 165 -17.26 28.19 -6.70
C ALA D 165 -16.92 27.02 -5.77
N VAL D 166 -17.78 26.01 -5.76
CA VAL D 166 -17.58 24.83 -4.92
C VAL D 166 -18.13 23.62 -5.67
N ASP D 167 -17.40 22.51 -5.63
CA ASP D 167 -17.87 21.32 -6.29
C ASP D 167 -18.74 20.53 -5.32
N THR D 168 -19.95 20.16 -5.75
CA THR D 168 -20.84 19.40 -4.89
C THR D 168 -21.40 18.17 -5.58
N VAL D 169 -21.96 17.28 -4.78
CA VAL D 169 -22.54 16.04 -5.26
C VAL D 169 -24.03 16.14 -5.52
N ALA D 170 -24.74 16.91 -4.70
CA ALA D 170 -26.18 17.04 -4.88
C ALA D 170 -26.72 18.35 -4.35
N GLU D 171 -27.92 18.72 -4.80
CA GLU D 171 -28.55 19.94 -4.34
C GLU D 171 -29.50 19.64 -3.18
N LEU D 172 -29.45 20.49 -2.17
CA LEU D 172 -30.33 20.36 -1.01
C LEU D 172 -31.57 21.15 -1.41
N PRO D 173 -32.72 20.49 -1.55
CA PRO D 173 -33.94 21.19 -1.94
C PRO D 173 -34.50 22.16 -0.91
N VAL D 174 -35.03 23.27 -1.40
CA VAL D 174 -35.65 24.27 -0.53
C VAL D 174 -37.15 24.09 -0.75
N LEU D 175 -37.87 23.78 0.32
CA LEU D 175 -39.31 23.56 0.21
C LEU D 175 -40.15 24.77 0.59
N GLU E 2 22.70 -16.69 -22.74
CA GLU E 2 22.22 -15.31 -22.46
C GLU E 2 23.33 -14.30 -22.74
N THR E 3 23.68 -14.20 -24.01
CA THR E 3 24.74 -13.30 -24.46
C THR E 3 24.22 -12.09 -25.24
N TYR E 4 25.11 -11.11 -25.36
CA TYR E 4 24.82 -9.88 -26.09
C TYR E 4 26.19 -9.37 -26.55
N PRO E 5 26.30 -9.01 -27.83
CA PRO E 5 27.55 -8.51 -28.42
C PRO E 5 28.02 -7.16 -27.88
N ILE E 6 29.34 -7.00 -27.88
CA ILE E 6 29.99 -5.78 -27.44
C ILE E 6 31.12 -5.53 -28.43
N THR E 7 31.28 -4.29 -28.89
CA THR E 7 32.33 -4.00 -29.85
C THR E 7 33.03 -2.65 -29.66
N VAL E 8 34.31 -2.63 -29.99
CA VAL E 8 35.15 -1.44 -29.90
C VAL E 8 36.29 -1.60 -30.91
N GLY E 9 36.64 -0.50 -31.58
CA GLY E 9 37.71 -0.54 -32.56
C GLY E 9 37.48 -1.49 -33.73
N GLY E 10 36.68 -2.53 -33.49
CA GLY E 10 36.39 -3.49 -34.53
C GLY E 10 36.34 -4.89 -33.98
N VAL E 11 36.66 -5.03 -32.69
CA VAL E 11 36.64 -6.34 -32.04
C VAL E 11 35.29 -6.57 -31.36
N THR E 12 34.66 -7.69 -31.65
CA THR E 12 33.37 -8.03 -31.07
C THR E 12 33.49 -9.14 -30.04
N ARG E 13 32.70 -9.04 -28.97
CA ARG E 13 32.73 -10.06 -27.94
C ARG E 13 31.34 -10.44 -27.45
N HIS E 14 31.09 -11.74 -27.31
CA HIS E 14 29.80 -12.18 -26.83
C HIS E 14 29.83 -12.24 -25.28
N VAL E 15 29.35 -11.12 -24.73
CA VAL E 15 29.32 -10.76 -23.31
C VAL E 15 28.17 -11.25 -22.49
N PRO E 16 28.45 -11.91 -21.34
CA PRO E 16 27.38 -12.40 -20.49
C PRO E 16 26.60 -11.13 -20.13
N LEU E 17 25.28 -11.25 -20.07
CA LEU E 17 24.45 -10.11 -19.71
C LEU E 17 24.26 -10.22 -18.20
N ILE E 18 24.43 -9.12 -17.48
CA ILE E 18 24.26 -9.17 -16.05
C ILE E 18 23.07 -8.31 -15.71
N GLU E 19 22.53 -8.50 -14.50
CA GLU E 19 21.38 -7.75 -14.06
C GLU E 19 21.70 -7.13 -12.71
N PRO E 20 22.50 -6.05 -12.70
CA PRO E 20 22.89 -5.35 -11.48
C PRO E 20 21.72 -4.85 -10.64
N LEU E 21 20.62 -4.49 -11.31
CA LEU E 21 19.40 -4.03 -10.64
C LEU E 21 18.27 -4.85 -11.28
N PRO E 22 17.20 -5.15 -10.52
CA PRO E 22 16.13 -5.95 -11.12
C PRO E 22 15.49 -5.27 -12.32
N GLY E 23 15.33 -6.02 -13.40
CA GLY E 23 14.71 -5.48 -14.60
C GLY E 23 15.64 -4.63 -15.44
N ARG E 24 16.89 -4.52 -15.01
CA ARG E 24 17.87 -3.72 -15.75
C ARG E 24 19.13 -4.52 -16.04
N ARG E 25 19.28 -4.93 -17.29
CA ARG E 25 20.43 -5.71 -17.73
C ARG E 25 21.38 -4.89 -18.58
N ILE E 26 22.68 -5.07 -18.35
CA ILE E 26 23.70 -4.35 -19.12
C ILE E 26 24.74 -5.34 -19.62
N PRO E 27 25.53 -4.94 -20.63
CA PRO E 27 26.56 -5.82 -21.16
C PRO E 27 27.72 -5.83 -20.16
N LEU E 28 28.31 -6.99 -19.92
CA LEU E 28 29.44 -7.08 -18.99
C LEU E 28 30.78 -7.05 -19.70
N VAL E 29 31.38 -5.87 -19.73
CA VAL E 29 32.68 -5.67 -20.36
C VAL E 29 33.83 -6.19 -19.50
N GLU E 30 34.50 -7.25 -19.94
CA GLU E 30 35.63 -7.82 -19.21
C GLU E 30 36.84 -8.04 -20.10
N PHE E 31 38.01 -7.57 -19.66
CA PHE E 31 39.25 -7.73 -20.42
C PHE E 31 40.11 -8.87 -19.87
N PRO E 35 45.98 -8.90 -25.72
CA PRO E 35 45.17 -7.69 -25.53
C PRO E 35 44.39 -7.31 -26.78
N GLU E 36 44.10 -8.28 -27.66
CA GLU E 36 43.36 -7.93 -28.87
C GLU E 36 42.20 -7.03 -28.51
N PHE E 37 41.38 -7.47 -27.56
CA PHE E 37 40.22 -6.69 -27.13
C PHE E 37 40.66 -5.48 -26.31
N THR E 38 41.73 -5.62 -25.53
CA THR E 38 42.24 -4.54 -24.71
C THR E 38 42.99 -3.52 -25.56
N ARG E 39 43.80 -4.03 -26.49
CA ARG E 39 44.56 -3.19 -27.39
C ARG E 39 43.55 -2.43 -28.24
N ALA E 40 42.53 -3.14 -28.73
CA ALA E 40 41.50 -2.49 -29.51
C ALA E 40 41.01 -1.30 -28.69
N ALA E 41 40.69 -1.57 -27.42
CA ALA E 41 40.24 -0.52 -26.50
C ALA E 41 41.38 0.48 -26.36
N ALA E 42 42.58 -0.05 -26.14
CA ALA E 42 43.79 0.74 -26.00
C ALA E 42 43.80 1.83 -27.06
N GLU E 43 43.87 1.38 -28.31
CA GLU E 43 43.91 2.24 -29.47
C GLU E 43 42.74 3.23 -29.54
N ALA E 44 41.58 2.80 -29.03
CA ALA E 44 40.40 3.65 -29.05
C ALA E 44 40.53 4.83 -28.10
N LEU E 45 41.00 4.55 -26.88
CA LEU E 45 41.14 5.54 -25.83
C LEU E 45 42.15 6.68 -26.00
N ARG E 46 43.34 6.40 -26.54
CA ARG E 46 44.39 7.42 -26.65
C ARG E 46 44.08 8.85 -27.01
N PRO E 47 43.62 9.09 -28.24
CA PRO E 47 43.29 10.47 -28.64
C PRO E 47 42.46 11.27 -27.66
N LEU E 48 42.08 10.65 -26.55
CA LEU E 48 41.28 11.30 -25.52
C LEU E 48 42.21 11.87 -24.47
N VAL E 49 43.41 11.28 -24.40
CA VAL E 49 44.43 11.67 -23.45
C VAL E 49 44.95 13.07 -23.71
N PRO E 50 44.65 14.01 -22.81
CA PRO E 50 45.10 15.40 -22.96
C PRO E 50 46.62 15.39 -22.85
N LYS E 51 47.27 14.59 -23.70
CA LYS E 51 48.73 14.45 -23.71
C LYS E 51 49.52 15.66 -23.19
N GLU E 52 49.45 15.75 -21.87
CA GLU E 52 50.09 16.71 -20.98
C GLU E 52 50.01 15.71 -19.82
N ALA E 53 49.58 14.51 -20.21
CA ALA E 53 49.43 13.38 -19.31
C ALA E 53 50.78 12.97 -18.77
N GLU E 54 50.83 12.66 -17.48
CA GLU E 54 52.08 12.26 -16.85
C GLU E 54 51.94 10.87 -16.26
N ILE E 55 50.80 10.60 -15.65
CA ILE E 55 50.57 9.31 -15.03
C ILE E 55 49.09 8.98 -15.11
N LEU E 56 48.79 7.74 -15.49
CA LEU E 56 47.41 7.29 -15.61
C LEU E 56 46.92 6.71 -14.28
N PHE E 57 45.67 7.00 -13.98
CA PHE E 57 45.08 6.58 -12.73
C PHE E 57 43.82 5.71 -12.93
N THR E 58 43.94 4.40 -12.68
CA THR E 58 42.80 3.49 -12.85
C THR E 58 42.52 2.62 -11.61
N THR E 59 41.38 1.95 -11.62
CA THR E 59 40.98 1.10 -10.49
C THR E 59 40.80 -0.39 -10.77
N GLU E 60 41.05 -1.19 -9.74
CA GLU E 60 40.95 -2.65 -9.74
C GLU E 60 39.54 -3.11 -10.11
N THR E 61 39.40 -4.14 -10.94
CA THR E 61 40.52 -4.88 -11.53
C THR E 61 40.54 -4.75 -13.05
N SER E 62 39.42 -5.07 -13.68
CA SER E 62 39.29 -5.04 -15.14
C SER E 62 39.87 -3.80 -15.85
N PRO E 63 39.81 -2.62 -15.21
CA PRO E 63 40.34 -1.42 -15.85
C PRO E 63 41.88 -1.37 -15.92
N ILE E 64 42.53 -2.31 -15.25
CA ILE E 64 44.00 -2.37 -15.23
C ILE E 64 44.56 -2.74 -16.59
N PRO E 65 44.16 -3.90 -17.13
CA PRO E 65 44.66 -4.31 -18.45
C PRO E 65 44.59 -3.13 -19.41
N LEU E 66 43.38 -2.59 -19.53
CA LEU E 66 43.07 -1.45 -20.36
C LEU E 66 44.08 -0.31 -20.13
N THR E 67 44.35 -0.02 -18.86
CA THR E 67 45.27 1.06 -18.49
C THR E 67 46.73 0.75 -18.78
N HIS E 68 47.14 -0.49 -18.56
CA HIS E 68 48.52 -0.84 -18.80
C HIS E 68 48.94 -0.70 -20.26
N VAL E 69 47.99 -0.89 -21.18
CA VAL E 69 48.26 -0.79 -22.61
C VAL E 69 48.46 0.69 -22.97
N LEU E 70 47.56 1.52 -22.48
CA LEU E 70 47.63 2.95 -22.74
C LEU E 70 48.92 3.46 -22.11
N ALA E 71 49.02 3.29 -20.79
CA ALA E 71 50.18 3.72 -20.02
C ALA E 71 51.52 3.55 -20.74
N GLU E 72 51.74 2.37 -21.32
CA GLU E 72 52.99 2.13 -22.04
C GLU E 72 52.91 2.76 -23.43
N PRO E 77 53.74 6.43 -16.65
CA PRO E 77 53.48 5.34 -15.70
C PRO E 77 52.01 5.35 -15.28
N TYR E 78 51.64 4.42 -14.41
CA TYR E 78 50.26 4.37 -13.93
C TYR E 78 50.15 3.74 -12.54
N VAL E 79 49.06 4.07 -11.85
CA VAL E 79 48.81 3.56 -10.51
C VAL E 79 47.42 2.92 -10.44
N VAL E 80 47.28 1.92 -9.58
CA VAL E 80 46.01 1.21 -9.42
C VAL E 80 45.49 1.15 -7.98
N ALA E 81 44.31 1.74 -7.76
CA ALA E 81 43.68 1.72 -6.45
C ALA E 81 43.03 0.35 -6.28
N ARG E 82 42.84 -0.07 -5.04
CA ARG E 82 42.25 -1.38 -4.73
C ARG E 82 40.87 -1.31 -4.08
N ARG E 83 40.15 -2.43 -4.10
CA ARG E 83 38.81 -2.48 -3.52
C ARG E 83 38.84 -3.18 -2.18
N ARG E 84 40.06 -3.47 -1.73
CA ARG E 84 40.24 -4.18 -0.47
C ARG E 84 41.63 -3.89 0.04
N ARG E 85 41.84 -4.01 1.35
CA ARG E 85 43.18 -3.77 1.91
C ARG E 85 43.98 -4.91 1.34
N ARG E 86 45.17 -4.62 0.83
CA ARG E 86 46.03 -5.64 0.28
C ARG E 86 47.01 -5.98 1.41
N PRO E 87 47.33 -7.27 1.58
CA PRO E 87 48.25 -7.65 2.65
C PRO E 87 49.53 -6.81 2.69
N TYR E 88 50.01 -6.52 3.89
CA TYR E 88 51.25 -5.77 4.09
C TYR E 88 51.26 -4.33 3.57
N MET E 89 50.09 -3.71 3.50
CA MET E 89 49.99 -2.35 3.00
C MET E 89 50.35 -1.25 4.01
N GLU E 90 51.32 -0.42 3.66
CA GLU E 90 51.74 0.69 4.52
C GLU E 90 50.90 1.91 4.15
N ASP E 91 50.40 2.60 5.16
CA ASP E 91 49.55 3.78 4.98
C ASP E 91 49.12 4.10 3.56
N PRO E 92 47.98 3.53 3.13
CA PRO E 92 47.44 3.74 1.80
C PRO E 92 46.41 4.87 1.92
N ILE E 93 46.12 5.57 0.83
CA ILE E 93 45.09 6.60 0.91
C ILE E 93 43.81 5.79 0.84
N ILE E 94 42.98 5.95 1.86
CA ILE E 94 41.73 5.23 1.94
C ILE E 94 40.60 6.22 1.75
N GLN E 95 39.74 5.95 0.78
CA GLN E 95 38.61 6.84 0.46
C GLN E 95 37.36 6.05 0.08
N GLU E 96 36.22 6.46 0.61
CA GLU E 96 34.95 5.80 0.32
C GLU E 96 34.33 6.37 -0.95
N GLY E 105 29.49 -1.90 0.09
CA GLY E 105 30.57 -1.20 0.75
C GLY E 105 31.74 -0.94 -0.17
N GLU E 106 31.62 0.07 -1.01
CA GLU E 106 32.66 0.45 -1.97
C GLU E 106 33.82 1.21 -1.31
N VAL E 107 34.99 0.58 -1.24
CA VAL E 107 36.15 1.23 -0.64
C VAL E 107 37.36 1.15 -1.55
N LEU E 108 37.91 2.30 -1.91
CA LEU E 108 39.10 2.34 -2.75
C LEU E 108 40.34 2.47 -1.87
N TRP E 109 41.39 1.72 -2.21
CA TRP E 109 42.62 1.75 -1.43
C TRP E 109 43.84 2.01 -2.30
N LEU E 110 44.40 3.21 -2.20
CA LEU E 110 45.60 3.57 -2.97
C LEU E 110 46.86 3.38 -2.12
N ASP E 111 47.87 2.76 -2.72
CA ASP E 111 49.14 2.53 -2.03
C ASP E 111 49.89 3.84 -1.86
N ARG E 112 50.55 4.00 -0.71
CA ARG E 112 51.31 5.22 -0.45
C ARG E 112 52.29 5.43 -1.60
N ARG E 113 53.08 4.40 -1.91
CA ARG E 113 54.05 4.49 -3.00
C ARG E 113 53.40 4.87 -4.32
N PHE E 114 52.16 4.44 -4.54
CA PHE E 114 51.47 4.81 -5.76
C PHE E 114 51.07 6.27 -5.64
N ALA E 115 50.60 6.64 -4.44
CA ALA E 115 50.13 7.99 -4.15
C ALA E 115 51.24 9.04 -4.09
N GLU E 116 52.48 8.59 -4.20
CA GLU E 116 53.62 9.49 -4.18
C GLU E 116 53.96 9.80 -5.63
N LYS E 117 53.71 8.81 -6.48
CA LYS E 117 53.99 8.93 -7.90
C LYS E 117 53.04 9.98 -8.46
N LEU E 118 52.12 10.43 -7.61
CA LEU E 118 51.13 11.42 -8.00
C LEU E 118 51.52 12.82 -7.57
N GLN E 121 51.25 15.93 -10.02
CA GLN E 121 51.23 15.35 -11.36
C GLN E 121 49.87 15.50 -12.01
N ARG E 122 49.88 15.64 -13.34
CA ARG E 122 48.63 15.73 -14.08
C ARG E 122 48.30 14.26 -14.31
N VAL E 123 47.23 13.81 -13.69
CA VAL E 123 46.81 12.41 -13.76
C VAL E 123 45.53 12.26 -14.55
N VAL E 124 45.44 11.16 -15.31
CA VAL E 124 44.26 10.88 -16.10
C VAL E 124 43.61 9.61 -15.57
N LEU E 125 42.34 9.70 -15.24
CA LEU E 125 41.61 8.55 -14.74
C LEU E 125 41.15 7.72 -15.93
N VAL E 126 41.28 6.40 -15.81
CA VAL E 126 40.85 5.50 -16.85
C VAL E 126 40.03 4.43 -16.16
N SER E 127 38.82 4.19 -16.66
CA SER E 127 37.94 3.20 -16.06
C SER E 127 37.36 2.24 -17.08
N ASP E 128 36.87 1.11 -16.59
CA ASP E 128 36.27 0.10 -17.44
C ASP E 128 35.04 0.73 -18.07
N VAL E 129 34.05 0.96 -17.22
CA VAL E 129 32.79 1.56 -17.61
C VAL E 129 32.46 2.64 -16.58
N VAL E 130 31.56 3.54 -16.95
CA VAL E 130 31.12 4.60 -16.06
C VAL E 130 29.61 4.65 -16.12
N ALA E 131 29.01 4.72 -14.95
CA ALA E 131 27.56 4.79 -14.82
C ALA E 131 27.28 6.03 -14.01
N SER E 132 27.54 5.93 -12.70
CA SER E 132 27.34 7.05 -11.79
C SER E 132 28.49 8.04 -11.93
N THR E 135 32.63 6.38 -8.61
CA THR E 135 33.95 5.76 -8.56
C THR E 135 35.01 6.71 -9.12
N MET E 136 34.61 7.53 -10.08
CA MET E 136 35.52 8.49 -10.67
C MET E 136 35.72 9.62 -9.68
N ARG E 137 34.68 9.88 -8.90
CA ARG E 137 34.69 10.93 -7.89
C ARG E 137 35.58 10.51 -6.73
N ALA E 138 35.36 9.31 -6.21
CA ALA E 138 36.16 8.79 -5.12
C ALA E 138 37.63 8.78 -5.54
N MET E 139 37.86 8.46 -6.81
CA MET E 139 39.20 8.41 -7.37
C MET E 139 39.75 9.82 -7.57
N LYS E 141 39.68 12.29 -5.67
CA LYS E 141 39.93 12.64 -4.28
C LYS E 141 41.27 12.08 -3.83
N MET E 142 41.62 10.89 -4.29
CA MET E 142 42.91 10.33 -3.89
C MET E 142 44.05 11.02 -4.64
N VAL E 143 43.69 11.78 -5.66
CA VAL E 143 44.68 12.53 -6.46
C VAL E 143 44.83 13.87 -5.74
N LEU E 144 43.68 14.50 -5.48
CA LEU E 144 43.63 15.80 -4.83
C LEU E 144 43.81 15.71 -3.31
N ARG E 145 44.71 14.84 -2.88
CA ARG E 145 45.01 14.65 -1.46
C ARG E 145 46.41 14.03 -1.46
N ALA E 146 46.78 13.50 -2.63
CA ALA E 146 48.10 12.89 -2.89
C ALA E 146 48.96 14.00 -3.50
N GLY E 147 48.40 15.20 -3.58
CA GLY E 147 49.13 16.34 -4.12
C GLY E 147 49.28 16.36 -5.64
N GLY E 148 48.25 15.87 -6.32
CA GLY E 148 48.25 15.83 -7.77
C GLY E 148 46.99 16.38 -8.40
N HIS E 149 46.90 16.30 -9.72
CA HIS E 149 45.73 16.82 -10.38
C HIS E 149 45.32 15.96 -11.54
N VAL E 150 44.01 15.96 -11.82
CA VAL E 150 43.39 15.21 -12.90
C VAL E 150 42.79 16.08 -14.04
N ARG E 153 39.43 11.93 -17.48
CA ARG E 153 38.57 10.79 -17.21
C ARG E 153 38.19 10.11 -18.52
N LEU E 154 38.87 9.00 -18.81
CA LEU E 154 38.62 8.23 -20.03
C LEU E 154 37.98 6.88 -19.70
N ALA E 155 36.72 6.71 -20.12
CA ALA E 155 36.02 5.44 -19.89
C ALA E 155 35.68 4.84 -21.25
N VAL E 156 35.93 3.55 -21.42
CA VAL E 156 35.65 2.88 -22.68
C VAL E 156 34.15 2.95 -22.98
N PHE E 157 33.35 2.42 -22.06
CA PHE E 157 31.91 2.45 -22.24
C PHE E 157 31.22 3.23 -21.12
N ARG E 158 30.04 3.74 -21.41
CA ARG E 158 29.27 4.46 -20.41
C ARG E 158 27.84 3.95 -20.55
N GLN E 159 27.22 3.53 -19.45
CA GLN E 159 25.85 3.05 -19.52
C GLN E 159 24.98 4.17 -19.01
N GLY E 160 23.95 4.51 -19.77
CA GLY E 160 23.09 5.61 -19.37
C GLY E 160 23.93 6.86 -19.43
N THR E 161 23.63 7.84 -18.57
CA THR E 161 24.40 9.08 -18.53
C THR E 161 25.01 9.33 -17.16
N PRO E 162 26.34 9.48 -17.12
CA PRO E 162 27.17 9.73 -15.93
C PRO E 162 26.90 11.01 -15.13
N GLY E 163 27.03 10.89 -13.81
CA GLY E 163 26.80 12.03 -12.94
C GLY E 163 27.94 13.04 -13.00
N LEU E 164 28.91 12.79 -13.87
CA LEU E 164 30.03 13.71 -14.02
C LEU E 164 30.68 13.57 -15.39
N ALA E 165 31.31 14.65 -15.83
CA ALA E 165 31.98 14.70 -17.12
C ALA E 165 33.03 13.60 -17.31
N VAL E 166 32.80 12.73 -18.28
CA VAL E 166 33.74 11.65 -18.59
C VAL E 166 33.67 11.43 -20.09
N ASP E 167 34.83 11.28 -20.71
CA ASP E 167 34.89 11.05 -22.15
C ASP E 167 34.97 9.55 -22.44
N THR E 168 33.92 9.04 -23.09
CA THR E 168 33.85 7.63 -23.45
C THR E 168 34.00 7.45 -24.95
N VAL E 169 34.46 6.27 -25.36
CA VAL E 169 34.61 5.99 -26.77
C VAL E 169 33.28 5.46 -27.30
N ALA E 170 32.84 4.33 -26.77
CA ALA E 170 31.58 3.72 -27.17
C ALA E 170 30.57 3.86 -26.03
N GLU E 171 29.39 3.25 -26.17
CA GLU E 171 28.38 3.30 -25.12
C GLU E 171 27.62 1.99 -24.96
N LEU E 172 27.28 1.70 -23.71
CA LEU E 172 26.55 0.48 -23.36
C LEU E 172 25.04 0.70 -23.22
N PRO E 173 24.24 -0.21 -23.79
CA PRO E 173 22.78 -0.11 -23.72
C PRO E 173 22.21 -0.78 -22.46
N VAL E 174 21.11 -0.23 -21.96
CA VAL E 174 20.45 -0.80 -20.78
C VAL E 174 19.29 -1.62 -21.36
N LEU E 175 19.36 -2.93 -21.21
CA LEU E 175 18.34 -3.82 -21.75
C LEU E 175 17.44 -4.43 -20.68
C ACY F . 11.04 -6.21 0.52
O ACY F . 10.23 -5.21 0.36
OXT ACY F . 11.10 -6.85 1.55
CH3 ACY F . 11.90 -6.54 -0.69
CL CL G . 7.31 -12.45 -8.60
CL CL H . -4.95 -12.58 -15.24
C ACY I . -8.12 -16.99 -25.21
O ACY I . -7.08 -16.71 -25.92
OXT ACY I . -8.75 -18.03 -25.34
CH3 ACY I . -8.52 -15.94 -24.19
CL CL J . -12.72 18.36 22.71
CA CA K . -31.01 -4.77 20.05
C ACY L . -13.27 13.75 32.58
O ACY L . -12.51 12.72 32.82
OXT ACY L . -14.48 13.68 32.53
CH3 ACY L . -12.53 15.06 32.36
CL CL M . -22.34 21.41 13.19
C ACY N . -22.21 28.53 4.37
O ACY N . -21.38 29.37 4.91
OXT ACY N . -22.17 28.21 3.19
CH3 ACY N . -23.25 27.95 5.32
CL CL O . 36.44 -6.37 -11.01
#